data_4Y7J
#
_entry.id   4Y7J
#
_cell.length_a   147.360
_cell.length_b   149.250
_cell.length_c   99.170
_cell.angle_alpha   90.00
_cell.angle_beta   90.00
_cell.angle_gamma   90.00
#
_symmetry.space_group_name_H-M   'P 21 21 2'
#
loop_
_entity.id
_entity.type
_entity.pdbx_description
1 polymer 'Large conductance mechanosensitive channel protein,Riboflavin synthase'
2 non-polymer 'nonyl beta-D-glucopyranoside'
#
_entity_poly.entity_id   1
_entity_poly.type   'polypeptide(L)'
_entity_poly.pdbx_seq_one_letter_code
;MGSSHHHHHHSSGLVPRGSHMGLFSEFKEFLYEYKVIPLAIAFIMGIASTALIKSFVDNIIMPIITPFVPGGGWETATVE
LGPIVISWGAFLGELVNFIIIAFAVFIIAKKVLQEEKVEKKMTKKVGIVDTTFARVDMASIAIKKLKELSPNIKIIRKTV
PGIKDLPVACKKLLEEEGCDIVMALGMPGKAEKDKVCAHEASLGLMLAQLMTNKHIIEVFVHEDEAKDDKELDWLAKRRA
EEHAENVYYLLFKPEYLTRMAGKGLRQGFEDAGPARE
;
_entity_poly.pdbx_strand_id   A,B,C,D,E
#
# COMPACT_ATOMS: atom_id res chain seq x y z
N PHE A 24 -11.16 -33.53 4.98
CA PHE A 24 -9.73 -33.89 5.18
C PHE A 24 -8.85 -33.07 4.24
N SER A 25 -8.66 -33.57 3.04
CA SER A 25 -7.83 -32.94 2.02
C SER A 25 -8.33 -31.53 1.74
N GLU A 26 -9.65 -31.43 1.58
CA GLU A 26 -10.31 -30.17 1.29
C GLU A 26 -10.03 -29.16 2.40
N PHE A 27 -10.16 -29.63 3.63
CA PHE A 27 -9.92 -28.80 4.81
C PHE A 27 -8.49 -28.29 4.81
N LYS A 28 -7.58 -29.21 4.55
CA LYS A 28 -6.13 -28.91 4.52
C LYS A 28 -5.82 -27.84 3.52
N GLU A 29 -6.49 -27.94 2.33
CA GLU A 29 -6.41 -26.86 1.33
C GLU A 29 -6.92 -25.53 1.95
N PHE A 30 -8.03 -25.65 2.68
CA PHE A 30 -8.65 -24.53 3.35
C PHE A 30 -7.67 -23.85 4.30
N LEU A 31 -6.98 -24.67 5.07
CA LEU A 31 -5.96 -24.21 6.01
C LEU A 31 -4.90 -23.43 5.33
N TYR A 32 -4.40 -23.95 4.21
CA TYR A 32 -3.39 -23.30 3.38
C TYR A 32 -3.96 -22.00 2.82
N GLU A 33 -3.21 -21.31 1.98
CA GLU A 33 -3.70 -20.10 1.30
C GLU A 33 -3.81 -18.88 2.23
N TYR A 34 -4.66 -18.96 3.26
CA TYR A 34 -4.87 -17.84 4.18
C TYR A 34 -3.65 -17.51 5.02
N LYS A 35 -2.85 -18.53 5.33
CA LYS A 35 -1.65 -18.36 6.15
C LYS A 35 -1.97 -17.99 7.59
N VAL A 36 -2.82 -18.79 8.23
CA VAL A 36 -3.15 -18.68 9.63
C VAL A 36 -1.96 -19.04 10.48
N ILE A 37 -1.14 -19.96 9.96
CA ILE A 37 0.08 -20.44 10.66
C ILE A 37 0.89 -19.23 11.10
N PRO A 38 1.04 -18.25 10.17
CA PRO A 38 1.84 -17.07 10.43
C PRO A 38 1.44 -16.37 11.74
N LEU A 39 0.10 -16.30 11.91
CA LEU A 39 -0.44 -15.60 13.07
C LEU A 39 -0.15 -16.45 14.29
N ALA A 40 -0.48 -17.74 14.21
CA ALA A 40 -0.35 -18.63 15.36
C ALA A 40 1.09 -18.63 15.90
N ILE A 41 2.05 -18.61 14.96
CA ILE A 41 3.45 -18.64 15.28
C ILE A 41 3.82 -17.35 15.95
N ALA A 42 3.68 -16.25 15.16
CA ALA A 42 4.03 -14.91 15.70
C ALA A 42 3.35 -14.61 17.04
N PHE A 43 2.13 -15.18 17.17
CA PHE A 43 1.29 -14.93 18.32
C PHE A 43 1.96 -15.54 19.53
N ILE A 44 2.24 -16.86 19.39
CA ILE A 44 2.93 -17.61 20.47
C ILE A 44 4.27 -16.95 20.79
N MET A 45 4.98 -16.54 19.76
CA MET A 45 6.31 -15.99 19.80
C MET A 45 6.33 -14.79 20.67
N GLY A 46 5.30 -13.89 20.56
CA GLY A 46 5.26 -12.70 21.38
C GLY A 46 5.31 -13.04 22.88
N ILE A 47 4.51 -14.03 23.24
CA ILE A 47 4.41 -14.53 24.60
C ILE A 47 5.79 -14.96 25.11
N ALA A 48 6.49 -15.70 24.27
CA ALA A 48 7.82 -16.20 24.59
C ALA A 48 8.77 -15.01 24.72
N SER A 49 8.75 -14.18 23.69
CA SER A 49 9.60 -13.02 23.57
C SER A 49 9.38 -12.08 24.74
N THR A 50 8.10 -11.86 25.07
CA THR A 50 7.75 -10.96 26.17
C THR A 50 8.16 -11.49 27.52
N ALA A 51 7.61 -12.67 27.88
CA ALA A 51 7.95 -13.31 29.14
C ALA A 51 9.48 -13.36 29.31
N LEU A 52 10.13 -13.35 28.16
CA LEU A 52 11.58 -13.46 28.04
C LEU A 52 12.37 -12.26 28.54
N ILE A 53 12.10 -11.12 27.89
CA ILE A 53 12.72 -9.84 28.28
C ILE A 53 12.33 -9.47 29.67
N LYS A 54 11.11 -9.83 30.10
CA LYS A 54 10.61 -9.49 31.43
C LYS A 54 11.55 -10.05 32.51
N SER A 55 11.89 -11.31 32.31
CA SER A 55 12.79 -12.04 33.23
C SER A 55 14.10 -11.28 33.39
N PHE A 56 14.50 -10.65 32.30
CA PHE A 56 15.70 -9.85 32.28
C PHE A 56 15.60 -8.65 33.20
N VAL A 57 14.38 -8.20 33.48
CA VAL A 57 14.20 -7.06 34.36
C VAL A 57 13.77 -7.51 35.75
N ASP A 58 12.79 -8.41 35.78
CA ASP A 58 12.23 -8.94 37.00
C ASP A 58 13.31 -9.49 37.92
N ASN A 59 14.32 -10.12 37.33
CA ASN A 59 15.38 -10.69 38.13
C ASN A 59 16.77 -10.10 37.99
N ILE A 60 17.03 -9.35 36.92
CA ILE A 60 18.38 -8.81 36.79
C ILE A 60 18.50 -7.30 36.92
N ILE A 61 17.87 -6.56 36.03
CA ILE A 61 17.97 -5.10 36.05
C ILE A 61 17.38 -4.47 37.31
N MET A 62 16.25 -4.99 37.77
CA MET A 62 15.57 -4.38 38.93
C MET A 62 16.09 -4.84 40.30
N PRO A 63 16.09 -6.16 40.57
CA PRO A 63 16.52 -6.44 41.93
C PRO A 63 17.93 -5.84 42.25
N ILE A 64 18.54 -5.20 41.25
CA ILE A 64 19.83 -4.47 41.38
C ILE A 64 19.71 -2.95 41.51
N ILE A 65 18.77 -2.36 40.76
CA ILE A 65 18.58 -0.91 40.72
C ILE A 65 17.81 -0.36 41.92
N THR A 66 17.74 -1.04 43.05
CA THR A 66 16.85 -0.48 44.08
C THR A 66 17.31 0.00 45.46
N PRO A 67 18.12 1.05 45.49
CA PRO A 67 18.35 1.92 46.62
C PRO A 67 17.74 3.21 46.15
N PHE A 68 17.28 4.08 47.04
CA PHE A 68 16.78 5.37 46.58
C PHE A 68 18.02 6.11 46.16
N VAL A 69 19.08 5.84 46.91
CA VAL A 69 20.39 6.47 46.78
C VAL A 69 21.35 5.79 45.80
N PRO A 70 22.28 6.55 45.20
CA PRO A 70 22.41 8.00 45.42
C PRO A 70 21.31 8.79 44.70
N GLY A 71 21.49 10.10 44.61
CA GLY A 71 20.51 10.97 44.01
C GLY A 71 19.55 11.48 45.06
N GLY A 72 19.11 12.72 44.88
CA GLY A 72 18.18 13.34 45.80
C GLY A 72 17.35 14.42 45.13
N GLY A 73 16.35 14.90 45.86
CA GLY A 73 15.48 15.94 45.36
C GLY A 73 14.03 15.55 45.47
N TRP A 74 13.73 14.56 46.32
CA TRP A 74 12.35 14.19 46.58
C TRP A 74 11.68 15.32 47.34
N GLU A 75 10.42 15.14 47.66
CA GLU A 75 9.67 16.29 48.13
C GLU A 75 8.88 16.21 49.44
N THR A 76 9.14 17.20 50.29
CA THR A 76 8.35 17.45 51.48
C THR A 76 8.25 18.95 51.37
N ALA A 77 7.81 19.38 50.19
CA ALA A 77 7.60 20.78 49.89
C ALA A 77 6.55 21.26 50.86
N THR A 78 7.02 21.58 52.06
CA THR A 78 6.18 22.01 53.17
C THR A 78 4.83 21.31 53.26
N VAL A 79 4.84 19.99 53.38
CA VAL A 79 3.62 19.25 53.61
C VAL A 79 3.21 19.70 55.00
N GLU A 80 2.04 20.30 55.08
CA GLU A 80 1.54 20.87 56.32
C GLU A 80 0.05 21.03 56.16
N LEU A 81 -0.56 21.75 57.10
CA LEU A 81 -1.98 22.06 57.05
C LEU A 81 -2.35 22.61 55.68
N GLY A 82 -3.42 22.07 55.10
CA GLY A 82 -3.84 22.45 53.76
C GLY A 82 -4.84 23.59 53.70
N PRO A 83 -6.08 23.40 54.21
CA PRO A 83 -6.59 22.21 54.94
C PRO A 83 -6.31 20.83 54.32
N ILE A 84 -6.50 20.65 53.02
CA ILE A 84 -6.26 19.32 52.45
C ILE A 84 -5.88 19.20 50.96
N VAL A 85 -4.63 19.52 50.64
CA VAL A 85 -4.13 19.26 49.28
C VAL A 85 -3.02 18.25 49.27
N ILE A 86 -3.35 17.05 48.86
CA ILE A 86 -2.35 16.04 48.60
C ILE A 86 -3.09 15.05 47.78
N SER A 87 -2.32 14.22 47.12
CA SER A 87 -2.81 13.17 46.31
C SER A 87 -1.50 12.78 45.71
N TRP A 88 -0.62 13.71 45.47
CA TRP A 88 0.54 13.34 44.70
C TRP A 88 1.70 12.66 45.42
N GLY A 89 1.94 13.04 46.69
CA GLY A 89 3.19 12.62 47.36
C GLY A 89 3.30 11.08 47.35
N ALA A 90 2.25 10.46 47.87
CA ALA A 90 2.13 9.02 47.91
C ALA A 90 2.20 8.44 46.50
N PHE A 91 1.43 9.06 45.63
CA PHE A 91 1.34 8.66 44.22
C PHE A 91 2.70 8.77 43.57
N LEU A 92 3.37 9.88 43.84
CA LEU A 92 4.71 10.16 43.31
C LEU A 92 5.67 9.02 43.71
N GLY A 93 5.59 8.66 44.99
CA GLY A 93 6.44 7.65 45.56
C GLY A 93 6.21 6.31 44.86
N GLU A 94 4.96 5.92 44.83
CA GLU A 94 4.54 4.68 44.17
C GLU A 94 4.81 4.77 42.69
N LEU A 95 4.53 5.93 42.10
CA LEU A 95 4.56 6.16 40.68
C LEU A 95 6.00 6.15 40.31
N VAL A 96 6.75 7.11 40.85
CA VAL A 96 8.22 7.19 40.64
C VAL A 96 8.92 5.86 40.82
N ASN A 97 8.37 5.00 41.67
CA ASN A 97 8.84 3.66 41.89
C ASN A 97 8.50 2.77 40.73
N PHE A 98 7.36 2.99 40.06
CA PHE A 98 7.02 2.20 38.89
C PHE A 98 7.75 2.72 37.68
N ILE A 99 7.95 4.04 37.71
CA ILE A 99 8.71 4.71 36.57
C ILE A 99 10.10 4.16 36.52
N ILE A 100 10.72 3.98 37.71
CA ILE A 100 12.06 3.49 37.88
C ILE A 100 12.17 2.13 37.23
N ILE A 101 11.17 1.25 37.40
CA ILE A 101 11.19 -0.07 36.85
C ILE A 101 10.99 -0.01 35.35
N ALA A 102 10.02 0.78 34.92
CA ALA A 102 9.74 0.94 33.48
C ALA A 102 10.98 1.51 32.78
N PHE A 103 11.53 2.55 33.44
CA PHE A 103 12.69 3.29 32.96
C PHE A 103 13.85 2.34 32.78
N ALA A 104 14.06 1.46 33.78
CA ALA A 104 15.17 0.51 33.71
C ALA A 104 15.04 -0.40 32.50
N VAL A 105 13.80 -0.87 32.32
CA VAL A 105 13.46 -1.76 31.21
C VAL A 105 13.79 -1.08 29.88
N PHE A 106 13.40 0.18 29.78
CA PHE A 106 13.57 1.00 28.60
C PHE A 106 15.05 1.05 28.22
N ILE A 107 15.91 1.27 29.22
CA ILE A 107 17.32 1.43 28.95
C ILE A 107 17.92 0.18 28.28
N ILE A 108 17.49 -0.97 28.85
CA ILE A 108 17.96 -2.27 28.36
C ILE A 108 17.59 -2.45 26.90
N ALA A 109 16.36 -2.05 26.53
CA ALA A 109 15.87 -2.15 25.19
C ALA A 109 16.79 -1.40 24.21
N LYS A 110 17.10 -0.18 24.62
CA LYS A 110 17.97 0.69 23.81
C LYS A 110 19.33 0.07 23.62
N LYS A 111 19.85 -0.48 24.71
CA LYS A 111 21.16 -1.14 24.69
C LYS A 111 21.15 -2.29 23.66
N VAL A 112 20.07 -3.07 23.74
CA VAL A 112 19.88 -4.21 22.86
C VAL A 112 19.87 -3.78 21.41
N LEU A 113 19.13 -2.72 21.17
CA LEU A 113 18.97 -2.13 19.82
C LEU A 113 20.31 -1.71 19.29
N GLN A 114 21.06 -1.03 20.16
CA GLN A 114 22.40 -0.51 19.84
C GLN A 114 23.29 -1.67 19.39
N GLU A 115 23.23 -2.76 20.17
CA GLU A 115 23.98 -3.97 19.83
C GLU A 115 23.57 -4.50 18.43
N GLU A 116 22.25 -4.47 18.20
CA GLU A 116 21.66 -4.98 17.00
C GLU A 116 22.19 -4.21 15.81
N LYS A 117 22.29 -2.89 15.91
CA LYS A 117 22.69 -2.07 14.79
C LYS A 117 24.13 -2.27 14.47
N VAL A 118 24.92 -2.13 15.51
CA VAL A 118 26.35 -2.20 15.50
C VAL A 118 26.62 -3.69 15.63
N GLU A 119 26.55 -4.37 14.49
CA GLU A 119 26.71 -5.82 14.38
C GLU A 119 25.68 -6.41 13.48
N LYS A 120 26.08 -6.61 12.24
CA LYS A 120 25.19 -7.11 11.23
C LYS A 120 25.57 -6.60 9.88
N LYS A 121 26.69 -5.92 9.84
CA LYS A 121 27.28 -5.54 8.59
C LYS A 121 27.56 -6.85 7.90
N MET A 122 27.51 -7.94 8.67
CA MET A 122 27.54 -9.24 8.06
C MET A 122 26.49 -8.90 7.03
N THR A 123 26.81 -9.15 5.77
CA THR A 123 25.88 -8.89 4.68
C THR A 123 26.23 -9.80 3.55
N LYS A 124 25.20 -10.26 2.87
CA LYS A 124 25.35 -11.11 1.70
C LYS A 124 24.23 -10.84 0.72
N LYS A 125 24.62 -10.66 -0.54
CA LYS A 125 23.69 -10.52 -1.67
C LYS A 125 23.58 -9.20 -2.41
N VAL A 126 23.77 -9.34 -3.73
CA VAL A 126 23.68 -8.30 -4.74
C VAL A 126 22.53 -8.61 -5.72
N GLY A 127 22.66 -9.70 -6.48
CA GLY A 127 21.63 -10.13 -7.43
C GLY A 127 21.76 -9.48 -8.78
N ILE A 128 21.98 -10.29 -9.82
CA ILE A 128 22.14 -9.76 -11.18
C ILE A 128 21.27 -10.52 -12.19
N VAL A 129 20.15 -9.90 -12.60
CA VAL A 129 19.18 -10.51 -13.53
C VAL A 129 19.51 -10.25 -14.99
N ASP A 130 19.26 -11.23 -15.85
CA ASP A 130 19.65 -11.09 -17.25
C ASP A 130 18.59 -11.39 -18.31
N THR A 131 18.98 -11.09 -19.54
CA THR A 131 18.17 -11.24 -20.75
C THR A 131 18.13 -12.67 -21.30
N THR A 132 17.35 -12.83 -22.36
CA THR A 132 17.25 -14.07 -23.12
C THR A 132 17.00 -13.49 -24.49
N PHE A 133 16.99 -12.16 -24.48
CA PHE A 133 16.71 -11.29 -25.60
C PHE A 133 18.03 -10.73 -26.16
N ALA A 134 18.90 -10.31 -25.25
CA ALA A 134 20.22 -9.73 -25.55
C ALA A 134 21.15 -10.60 -26.36
N ARG A 135 22.06 -9.94 -27.05
CA ARG A 135 23.02 -10.61 -27.93
C ARG A 135 24.44 -10.94 -27.38
N VAL A 136 24.92 -10.16 -26.40
CA VAL A 136 26.24 -10.37 -25.77
C VAL A 136 26.08 -10.46 -24.26
N ASP A 137 26.54 -11.57 -23.69
CA ASP A 137 26.43 -11.75 -22.25
C ASP A 137 27.25 -10.76 -21.44
N MET A 138 26.51 -9.86 -20.80
CA MET A 138 27.08 -8.86 -19.91
C MET A 138 27.37 -9.52 -18.57
N ALA A 139 26.30 -9.92 -17.89
CA ALA A 139 26.37 -10.54 -16.55
C ALA A 139 27.78 -10.79 -16.01
N SER A 140 28.53 -11.62 -16.76
CA SER A 140 29.87 -12.01 -16.38
C SER A 140 30.76 -10.79 -16.32
N ILE A 141 30.81 -10.03 -17.40
CA ILE A 141 31.60 -8.80 -17.44
C ILE A 141 31.45 -8.02 -16.14
N ALA A 142 30.20 -7.96 -15.66
CA ALA A 142 29.86 -7.18 -14.48
C ALA A 142 30.20 -7.91 -13.20
N ILE A 143 29.91 -9.21 -13.19
CA ILE A 143 30.17 -10.06 -12.04
C ILE A 143 31.66 -10.05 -11.65
N LYS A 144 32.50 -10.09 -12.68
CA LYS A 144 33.94 -10.07 -12.52
C LYS A 144 34.43 -8.91 -11.67
N LYS A 145 34.21 -7.70 -12.19
CA LYS A 145 34.58 -6.48 -11.49
C LYS A 145 33.96 -6.41 -10.10
N LEU A 146 32.75 -6.91 -9.97
CA LEU A 146 32.01 -6.87 -8.72
C LEU A 146 32.72 -7.52 -7.55
N LYS A 147 32.86 -8.85 -7.62
CA LYS A 147 33.58 -9.59 -6.57
C LYS A 147 35.00 -9.10 -6.39
N GLU A 148 35.57 -8.46 -7.43
CA GLU A 148 36.93 -7.93 -7.33
C GLU A 148 36.87 -6.76 -6.34
N LEU A 149 35.91 -5.85 -6.59
CA LEU A 149 35.80 -4.62 -5.83
C LEU A 149 35.70 -5.02 -4.35
N SER A 150 35.13 -6.22 -4.15
CA SER A 150 35.00 -6.83 -2.83
C SER A 150 34.48 -8.21 -3.05
N PRO A 151 35.15 -9.20 -2.46
CA PRO A 151 34.84 -10.62 -2.56
C PRO A 151 33.89 -11.14 -1.49
N ASN A 152 33.34 -10.24 -0.67
CA ASN A 152 32.34 -10.63 0.31
C ASN A 152 30.89 -10.42 -0.18
N ILE A 153 30.70 -10.52 -1.50
CA ILE A 153 29.41 -10.29 -2.18
C ILE A 153 28.74 -11.59 -2.70
N LYS A 154 27.55 -11.90 -2.18
CA LYS A 154 26.77 -13.11 -2.57
C LYS A 154 25.93 -12.89 -3.83
N ILE A 155 26.46 -13.31 -4.98
CA ILE A 155 25.82 -13.12 -6.29
C ILE A 155 24.77 -14.20 -6.70
N ILE A 156 23.55 -13.74 -7.03
CA ILE A 156 22.42 -14.57 -7.51
C ILE A 156 22.12 -14.17 -8.95
N ARG A 157 22.45 -15.04 -9.92
CA ARG A 157 22.06 -14.80 -11.31
C ARG A 157 20.77 -15.59 -11.52
N LYS A 158 19.85 -15.00 -12.30
CA LYS A 158 18.51 -15.52 -12.62
C LYS A 158 18.16 -14.85 -13.94
N THR A 159 17.84 -15.65 -14.95
CA THR A 159 17.54 -15.07 -16.25
C THR A 159 16.04 -14.99 -16.53
N VAL A 160 15.71 -14.38 -17.67
CA VAL A 160 14.35 -14.26 -18.19
C VAL A 160 14.41 -14.05 -19.70
N PRO A 161 13.32 -14.40 -20.42
CA PRO A 161 13.18 -14.42 -21.89
C PRO A 161 12.97 -13.10 -22.66
N GLY A 162 11.94 -12.35 -22.31
CA GLY A 162 11.67 -11.08 -22.94
C GLY A 162 12.19 -10.00 -22.03
N ILE A 163 12.69 -8.93 -22.64
CA ILE A 163 13.15 -7.73 -21.97
C ILE A 163 12.02 -7.14 -21.07
N LYS A 164 10.79 -7.38 -21.51
CA LYS A 164 9.56 -6.93 -20.84
C LYS A 164 9.16 -7.82 -19.65
N ASP A 165 10.13 -8.37 -18.93
CA ASP A 165 9.84 -9.36 -17.92
C ASP A 165 10.55 -9.05 -16.63
N LEU A 166 11.86 -8.87 -16.77
CA LEU A 166 12.78 -8.56 -15.71
C LEU A 166 12.10 -8.03 -14.48
N PRO A 167 11.26 -6.99 -14.65
CA PRO A 167 10.52 -6.32 -13.58
C PRO A 167 10.02 -7.15 -12.40
N VAL A 168 9.03 -8.02 -12.69
CA VAL A 168 8.54 -8.96 -11.68
C VAL A 168 9.79 -9.55 -11.01
N ALA A 169 10.64 -10.12 -11.85
CA ALA A 169 11.87 -10.78 -11.41
C ALA A 169 12.71 -9.97 -10.49
N CYS A 170 13.34 -8.92 -11.00
CA CYS A 170 14.11 -8.00 -10.14
C CYS A 170 13.39 -7.81 -8.79
N LYS A 171 12.07 -7.62 -8.91
CA LYS A 171 11.20 -7.40 -7.76
C LYS A 171 11.31 -8.46 -6.72
N LYS A 172 11.13 -9.69 -7.15
CA LYS A 172 11.21 -10.88 -6.23
C LYS A 172 12.59 -10.95 -5.62
N LEU A 173 13.60 -10.75 -6.52
CA LEU A 173 15.01 -10.78 -6.05
C LEU A 173 15.23 -9.80 -4.89
N LEU A 174 14.51 -8.67 -4.97
CA LEU A 174 14.57 -7.64 -3.94
C LEU A 174 13.61 -7.86 -2.76
N GLU A 175 12.65 -8.76 -2.95
CA GLU A 175 11.63 -8.98 -1.96
C GLU A 175 11.82 -10.30 -1.24
N GLU A 176 12.03 -11.36 -2.01
CA GLU A 176 12.07 -12.73 -1.48
C GLU A 176 13.48 -13.33 -1.33
N GLU A 177 14.42 -12.47 -0.97
CA GLU A 177 15.83 -12.75 -0.84
C GLU A 177 16.31 -11.36 -0.41
N GLY A 178 17.52 -11.21 0.10
CA GLY A 178 17.99 -9.89 0.54
C GLY A 178 18.28 -8.88 -0.56
N CYS A 179 19.13 -9.29 -1.50
CA CYS A 179 19.58 -8.48 -2.63
C CYS A 179 19.31 -6.98 -2.47
N ASP A 180 20.04 -6.37 -1.54
CA ASP A 180 19.82 -4.97 -1.22
C ASP A 180 19.95 -4.00 -2.39
N ILE A 181 20.45 -4.55 -3.50
CA ILE A 181 20.49 -3.91 -4.78
C ILE A 181 20.32 -4.99 -5.87
N VAL A 182 20.76 -4.71 -7.09
CA VAL A 182 20.67 -5.62 -8.23
C VAL A 182 21.19 -4.91 -9.47
N MET A 183 21.50 -5.65 -10.53
CA MET A 183 21.85 -5.05 -11.82
C MET A 183 20.80 -5.42 -12.84
N ALA A 184 20.52 -4.49 -13.74
CA ALA A 184 19.51 -4.70 -14.78
C ALA A 184 20.10 -5.05 -16.14
N LEU A 185 21.26 -5.72 -16.13
CA LEU A 185 21.90 -6.09 -17.39
C LEU A 185 20.75 -6.48 -18.30
N GLY A 186 20.71 -5.87 -19.48
CA GLY A 186 19.66 -6.09 -20.46
C GLY A 186 20.08 -5.52 -21.80
N MET A 187 19.26 -5.70 -22.82
CA MET A 187 19.57 -5.17 -24.14
C MET A 187 18.33 -4.86 -24.99
N PRO A 188 18.06 -3.57 -25.25
CA PRO A 188 16.95 -3.11 -26.10
C PRO A 188 17.15 -3.42 -27.59
N GLY A 189 16.21 -3.00 -28.43
CA GLY A 189 16.24 -3.33 -29.86
C GLY A 189 16.46 -2.18 -30.83
N LYS A 190 16.34 -2.48 -32.12
CA LYS A 190 16.48 -1.50 -33.20
C LYS A 190 15.12 -0.99 -33.68
N ALA A 191 15.10 -0.36 -34.85
CA ALA A 191 13.87 0.17 -35.47
C ALA A 191 13.27 1.30 -34.65
N GLU A 192 12.84 2.36 -35.33
CA GLU A 192 12.24 3.52 -34.67
C GLU A 192 10.96 3.19 -33.88
N LYS A 193 10.61 1.91 -33.79
CA LYS A 193 9.38 1.45 -33.15
C LYS A 193 9.56 0.74 -31.81
N ASP A 194 10.61 -0.04 -31.68
CA ASP A 194 10.87 -0.79 -30.44
C ASP A 194 11.44 0.09 -29.34
N LYS A 195 11.40 1.40 -29.57
CA LYS A 195 11.84 2.38 -28.58
C LYS A 195 10.87 2.36 -27.40
N VAL A 196 9.65 1.93 -27.69
CA VAL A 196 8.55 1.91 -26.74
C VAL A 196 8.91 1.03 -25.55
N CYS A 197 9.50 -0.14 -25.84
CA CYS A 197 9.78 -1.17 -24.87
C CYS A 197 10.60 -0.59 -23.73
N ALA A 198 11.68 0.09 -24.13
CA ALA A 198 12.63 0.70 -23.17
C ALA A 198 11.83 1.50 -22.14
N HIS A 199 10.94 2.34 -22.67
CA HIS A 199 10.13 3.25 -21.88
C HIS A 199 9.34 2.38 -20.93
N GLU A 200 8.51 1.57 -21.54
CA GLU A 200 7.60 0.64 -20.82
C GLU A 200 8.37 -0.04 -19.68
N ALA A 201 9.54 -0.61 -20.03
CA ALA A 201 10.27 -1.42 -19.08
C ALA A 201 10.78 -0.52 -17.96
N SER A 202 11.44 0.57 -18.40
CA SER A 202 12.06 1.47 -17.39
C SER A 202 11.01 1.69 -16.32
N LEU A 203 9.76 1.97 -16.72
CA LEU A 203 8.72 2.32 -15.77
C LEU A 203 8.59 1.19 -14.76
N GLY A 204 8.41 0.01 -15.29
CA GLY A 204 8.33 -1.19 -14.38
C GLY A 204 9.47 -1.13 -13.37
N LEU A 205 10.66 -0.86 -13.90
CA LEU A 205 11.90 -0.77 -13.14
C LEU A 205 11.74 0.20 -11.96
N MET A 206 11.17 1.35 -12.27
CA MET A 206 10.90 2.38 -11.28
C MET A 206 9.88 1.83 -10.29
N LEU A 207 8.77 1.36 -10.86
CA LEU A 207 7.65 0.83 -10.08
C LEU A 207 8.33 -0.18 -9.18
N ALA A 208 9.19 -0.98 -9.79
CA ALA A 208 10.02 -1.94 -9.09
C ALA A 208 10.69 -1.16 -7.96
N GLN A 209 11.63 -0.35 -8.36
CA GLN A 209 12.41 0.45 -7.44
C GLN A 209 11.44 1.04 -6.42
N LEU A 210 10.53 1.87 -6.89
CA LEU A 210 9.56 2.52 -6.02
C LEU A 210 8.75 1.60 -5.13
N MET A 211 8.51 0.36 -5.55
CA MET A 211 7.71 -0.54 -4.72
C MET A 211 8.47 -0.86 -3.46
N THR A 212 9.80 -0.75 -3.58
CA THR A 212 10.71 -1.07 -2.49
C THR A 212 12.01 -0.26 -2.52
N ASN A 213 12.50 0.09 -1.34
CA ASN A 213 13.65 0.98 -1.19
C ASN A 213 14.99 0.30 -1.52
N LYS A 214 15.15 -0.17 -2.75
CA LYS A 214 16.38 -0.79 -3.19
C LYS A 214 16.61 -0.25 -4.57
N HIS A 215 17.68 0.50 -4.68
CA HIS A 215 18.08 1.09 -5.95
C HIS A 215 18.16 0.01 -7.03
N ILE A 216 18.12 0.38 -8.30
CA ILE A 216 18.21 -0.64 -9.32
C ILE A 216 18.76 -0.07 -10.59
N ILE A 217 20.06 -0.13 -10.68
CA ILE A 217 20.71 0.28 -11.88
C ILE A 217 19.95 -0.34 -13.03
N GLU A 218 19.89 0.39 -14.12
CA GLU A 218 19.21 -0.03 -15.31
C GLU A 218 20.30 -0.22 -16.36
N VAL A 219 20.60 -1.47 -16.65
CA VAL A 219 21.70 -1.72 -17.54
C VAL A 219 21.24 -1.79 -19.00
N PHE A 220 20.52 -0.77 -19.43
CA PHE A 220 20.12 -0.74 -20.80
C PHE A 220 21.31 -0.32 -21.64
N VAL A 221 21.16 -0.45 -22.94
CA VAL A 221 22.13 -0.10 -23.92
C VAL A 221 21.17 -0.31 -25.07
N HIS A 222 21.27 0.50 -26.12
CA HIS A 222 20.35 0.33 -27.24
C HIS A 222 21.28 -0.10 -28.33
N GLU A 223 20.73 -0.80 -29.30
CA GLU A 223 21.49 -1.37 -30.41
C GLU A 223 21.71 -0.37 -31.56
N ASP A 224 21.22 0.84 -31.37
CA ASP A 224 21.36 1.89 -32.36
C ASP A 224 22.67 2.63 -32.13
N GLU A 225 23.29 2.37 -30.99
CA GLU A 225 24.51 3.06 -30.57
C GLU A 225 25.76 2.48 -31.26
N ALA A 226 25.65 2.14 -32.54
CA ALA A 226 26.79 1.58 -33.28
C ALA A 226 26.58 1.46 -34.78
N LYS A 227 27.63 1.00 -35.47
CA LYS A 227 27.63 0.82 -36.92
C LYS A 227 27.94 -0.61 -37.39
N ASP A 228 28.40 -1.45 -36.47
CA ASP A 228 28.68 -2.84 -36.75
C ASP A 228 28.59 -3.69 -35.48
N ASP A 229 28.89 -4.99 -35.62
CA ASP A 229 28.83 -5.92 -34.49
C ASP A 229 29.85 -5.62 -33.37
N LYS A 230 31.12 -5.57 -33.78
CA LYS A 230 32.23 -5.49 -32.86
C LYS A 230 32.15 -4.23 -32.02
N GLU A 231 31.77 -3.12 -32.65
CA GLU A 231 31.67 -1.83 -32.01
C GLU A 231 30.73 -1.90 -30.79
N LEU A 232 29.59 -2.49 -31.06
CA LEU A 232 28.53 -2.65 -30.06
C LEU A 232 29.04 -3.48 -28.88
N ASP A 233 29.75 -4.55 -29.19
CA ASP A 233 30.28 -5.50 -28.25
C ASP A 233 31.10 -4.82 -27.19
N TRP A 234 32.04 -4.00 -27.66
CA TRP A 234 32.91 -3.22 -26.74
C TRP A 234 31.99 -2.39 -25.76
N LEU A 235 31.12 -1.68 -26.40
CA LEU A 235 30.16 -0.80 -25.75
C LEU A 235 29.36 -1.47 -24.69
N ALA A 236 28.74 -2.61 -24.99
CA ALA A 236 27.92 -3.35 -24.02
C ALA A 236 28.65 -3.56 -22.70
N LYS A 237 29.64 -4.42 -22.76
CA LYS A 237 30.45 -4.76 -21.60
C LYS A 237 31.05 -3.54 -20.90
N ARG A 238 31.58 -2.62 -21.70
CA ARG A 238 32.23 -1.44 -21.15
C ARG A 238 31.36 -0.84 -20.05
N ARG A 239 30.06 -0.83 -20.31
CA ARG A 239 29.09 -0.26 -19.36
C ARG A 239 28.86 -1.10 -18.12
N ALA A 240 28.30 -2.30 -18.31
CA ALA A 240 28.06 -3.22 -17.19
C ALA A 240 29.10 -2.99 -16.08
N GLU A 241 30.36 -2.80 -16.52
CA GLU A 241 31.48 -2.63 -15.62
C GLU A 241 31.28 -1.34 -14.91
N GLU A 242 31.16 -0.27 -15.69
CA GLU A 242 30.95 1.09 -15.15
C GLU A 242 29.91 1.01 -14.02
N HIS A 243 28.83 0.26 -14.28
CA HIS A 243 27.68 0.19 -13.44
C HIS A 243 28.11 -0.44 -12.13
N ALA A 244 28.39 -1.72 -12.26
CA ALA A 244 28.97 -2.45 -11.12
C ALA A 244 29.79 -1.48 -10.26
N GLU A 245 30.59 -0.68 -10.95
CA GLU A 245 31.50 0.27 -10.33
C GLU A 245 30.65 0.96 -9.31
N ASN A 246 29.63 1.69 -9.77
CA ASN A 246 28.76 2.45 -8.89
C ASN A 246 28.05 1.56 -7.89
N VAL A 247 27.66 0.38 -8.37
CA VAL A 247 27.00 -0.54 -7.49
C VAL A 247 27.80 -0.52 -6.21
N TYR A 248 29.06 -0.87 -6.33
CA TYR A 248 29.92 -0.95 -5.18
C TYR A 248 29.88 0.29 -4.28
N TYR A 249 30.23 1.45 -4.83
CA TYR A 249 30.16 2.64 -4.00
C TYR A 249 28.74 2.65 -3.50
N LEU A 250 27.78 2.71 -4.43
CA LEU A 250 26.36 2.75 -4.07
C LEU A 250 25.97 1.79 -2.94
N LEU A 251 26.70 0.70 -2.82
CA LEU A 251 26.47 -0.20 -1.71
C LEU A 251 27.23 0.31 -0.51
N PHE A 252 28.51 0.63 -0.72
CA PHE A 252 29.43 1.04 0.37
C PHE A 252 29.98 2.46 0.36
N LYS A 253 30.52 2.87 -0.80
CA LYS A 253 31.21 4.13 -0.98
C LYS A 253 30.30 5.29 -1.44
N PRO A 254 29.42 5.80 -0.54
CA PRO A 254 28.57 6.90 -0.98
C PRO A 254 29.44 8.14 -1.07
N GLU A 255 30.40 8.26 -0.15
CA GLU A 255 31.32 9.37 -0.11
C GLU A 255 32.02 9.60 -1.45
N TYR A 256 32.42 8.53 -2.14
CA TYR A 256 33.08 8.65 -3.44
C TYR A 256 32.28 9.53 -4.38
N LEU A 257 31.07 9.08 -4.64
CA LEU A 257 30.14 9.78 -5.49
C LEU A 257 29.87 11.17 -4.93
N THR A 258 29.60 11.23 -3.62
CA THR A 258 29.34 12.49 -2.91
C THR A 258 30.16 13.60 -3.57
N ARG A 259 31.43 13.27 -3.78
CA ARG A 259 32.36 14.17 -4.42
C ARG A 259 32.15 14.21 -5.93
N MET A 260 31.80 13.07 -6.51
CA MET A 260 31.65 12.87 -7.95
C MET A 260 30.68 13.79 -8.70
N ALA A 261 29.70 14.38 -8.02
CA ALA A 261 28.80 15.38 -8.60
C ALA A 261 29.60 16.44 -9.34
N GLY A 262 29.13 16.86 -10.52
CA GLY A 262 29.85 17.85 -11.34
C GLY A 262 30.70 17.24 -12.44
N LYS A 263 30.49 15.94 -12.64
CA LYS A 263 31.05 15.17 -13.76
C LYS A 263 32.03 14.10 -13.28
N GLY A 264 31.97 13.81 -11.98
CA GLY A 264 32.93 12.92 -11.34
C GLY A 264 33.83 13.67 -10.40
N PHE B 24 22.21 -22.88 11.88
CA PHE B 24 22.28 -21.86 12.96
C PHE B 24 22.68 -20.50 12.41
N SER B 25 23.64 -20.50 11.49
CA SER B 25 24.15 -19.28 10.87
C SER B 25 23.15 -18.73 9.86
N GLU B 26 21.91 -19.18 9.95
CA GLU B 26 20.87 -18.80 9.00
C GLU B 26 19.70 -18.10 9.71
N PHE B 27 19.58 -18.39 11.01
CA PHE B 27 18.49 -17.84 11.82
C PHE B 27 18.59 -16.33 12.07
N LYS B 28 19.81 -15.86 12.33
CA LYS B 28 20.04 -14.44 12.61
C LYS B 28 19.40 -13.57 11.53
N GLU B 29 19.04 -14.21 10.41
CA GLU B 29 18.40 -13.54 9.29
C GLU B 29 16.93 -13.25 9.59
N PHE B 30 16.25 -14.25 10.14
CA PHE B 30 14.82 -14.14 10.46
C PHE B 30 14.54 -13.06 11.49
N LEU B 31 15.28 -13.11 12.61
CA LEU B 31 15.12 -12.12 13.66
C LEU B 31 15.14 -10.70 13.13
N TYR B 32 15.89 -10.51 12.04
CA TYR B 32 16.03 -9.19 11.45
C TYR B 32 14.97 -8.78 10.49
N GLU B 33 14.85 -9.54 9.39
CA GLU B 33 13.90 -9.24 8.36
C GLU B 33 12.56 -8.87 8.97
N TYR B 34 12.21 -9.57 10.05
CA TYR B 34 10.97 -9.34 10.77
C TYR B 34 11.14 -8.39 11.93
N LYS B 35 12.39 -8.20 12.36
CA LYS B 35 12.69 -7.37 13.52
C LYS B 35 11.70 -7.68 14.64
N VAL B 36 11.80 -8.90 15.17
CA VAL B 36 10.91 -9.39 16.21
C VAL B 36 11.06 -8.60 17.52
N ILE B 37 12.28 -8.15 17.79
CA ILE B 37 12.58 -7.46 19.05
C ILE B 37 11.98 -6.09 19.19
N PRO B 38 12.04 -5.24 18.13
CA PRO B 38 11.53 -3.89 18.23
C PRO B 38 10.07 -3.87 18.72
N LEU B 39 9.30 -4.85 18.22
CA LEU B 39 7.89 -4.95 18.54
C LEU B 39 7.79 -5.32 20.01
N ALA B 40 8.44 -6.46 20.30
CA ALA B 40 8.44 -7.03 21.68
C ALA B 40 8.67 -5.91 22.68
N ILE B 41 9.64 -5.05 22.37
CA ILE B 41 10.03 -3.93 23.21
C ILE B 41 8.87 -3.00 23.27
N ALA B 42 8.55 -2.33 22.17
CA ALA B 42 7.43 -1.41 22.06
C ALA B 42 6.20 -1.94 22.79
N PHE B 43 6.01 -3.27 22.69
CA PHE B 43 4.83 -3.92 23.21
C PHE B 43 4.88 -3.82 24.72
N ILE B 44 5.99 -4.29 25.27
CA ILE B 44 6.18 -4.29 26.74
C ILE B 44 6.09 -2.86 27.28
N MET B 45 6.70 -1.92 26.54
CA MET B 45 6.71 -0.52 26.88
C MET B 45 5.31 0.00 26.99
N GLY B 46 4.41 -0.39 26.10
CA GLY B 46 3.02 0.01 26.09
C GLY B 46 2.37 -0.18 27.47
N ILE B 47 2.55 -1.40 27.92
CA ILE B 47 2.02 -1.78 29.27
C ILE B 47 2.60 -0.90 30.36
N ALA B 48 3.87 -0.56 30.16
CA ALA B 48 4.64 0.28 31.10
C ALA B 48 4.10 1.69 30.92
N SER B 49 4.17 2.19 29.68
CA SER B 49 3.75 3.53 29.33
C SER B 49 2.34 3.80 29.73
N THR B 50 1.47 2.76 29.75
CA THR B 50 0.07 2.93 30.01
C THR B 50 -0.23 2.87 31.49
N ALA B 51 0.30 1.83 32.12
CA ALA B 51 0.18 1.67 33.58
C ALA B 51 0.62 2.92 34.36
N LEU B 52 1.62 3.60 33.79
CA LEU B 52 2.20 4.80 34.36
C LEU B 52 1.15 5.88 34.46
N ILE B 53 0.75 6.40 33.27
CA ILE B 53 -0.27 7.42 33.17
C ILE B 53 -1.53 7.10 33.95
N LYS B 54 -1.75 5.80 34.24
CA LYS B 54 -2.94 5.35 34.91
C LYS B 54 -2.91 5.90 36.34
N SER B 55 -1.83 5.50 37.02
CA SER B 55 -1.59 5.90 38.42
C SER B 55 -1.70 7.42 38.59
N PHE B 56 -1.39 8.08 37.49
CA PHE B 56 -1.48 9.52 37.39
C PHE B 56 -2.92 10.00 37.47
N VAL B 57 -3.85 9.13 37.13
CA VAL B 57 -5.26 9.50 37.16
C VAL B 57 -5.95 8.69 38.26
N ASP B 58 -5.77 7.38 38.21
CA ASP B 58 -6.35 6.48 39.19
C ASP B 58 -5.92 6.91 40.56
N ASN B 59 -4.61 6.94 40.74
CA ASN B 59 -4.03 7.33 41.98
C ASN B 59 -4.19 8.90 41.99
N ILE B 60 -3.46 9.65 41.14
CA ILE B 60 -3.34 11.17 41.10
C ILE B 60 -4.39 12.32 40.91
N ILE B 61 -5.18 12.33 39.81
CA ILE B 61 -6.09 13.43 39.46
C ILE B 61 -7.43 13.37 40.16
N MET B 62 -7.94 12.15 40.35
CA MET B 62 -9.25 11.91 40.91
C MET B 62 -9.38 12.08 42.43
N PRO B 63 -8.58 11.35 43.23
CA PRO B 63 -8.80 11.56 44.67
C PRO B 63 -8.35 12.90 45.32
N ILE B 64 -9.18 13.91 45.10
CA ILE B 64 -9.15 15.22 45.75
C ILE B 64 -10.47 15.84 45.34
N ILE B 65 -10.89 15.47 44.13
CA ILE B 65 -12.09 15.98 43.49
C ILE B 65 -13.36 15.90 44.34
N THR B 66 -13.89 14.70 44.55
CA THR B 66 -15.08 14.53 45.38
C THR B 66 -15.01 15.47 46.57
N THR B 78 -28.37 16.70 31.22
CA THR B 78 -29.21 16.32 30.05
C THR B 78 -30.58 15.99 30.61
N VAL B 79 -31.66 15.91 29.81
CA VAL B 79 -32.87 15.72 30.57
C VAL B 79 -33.87 14.61 30.72
N GLU B 80 -34.80 15.12 31.52
CA GLU B 80 -36.15 14.73 31.91
C GLU B 80 -36.43 13.65 32.93
N LEU B 81 -37.50 12.98 32.54
CA LEU B 81 -38.18 11.86 33.17
C LEU B 81 -38.03 11.56 34.67
N GLY B 82 -39.03 11.95 35.46
CA GLY B 82 -39.00 11.73 36.90
C GLY B 82 -38.57 10.32 37.35
N PRO B 83 -39.24 9.28 36.85
CA PRO B 83 -40.40 9.40 35.98
C PRO B 83 -41.66 9.12 36.78
N GLU B 94 -26.03 5.17 36.59
CA GLU B 94 -24.65 4.70 36.69
C GLU B 94 -23.91 4.94 35.41
N LEU B 95 -24.58 4.66 34.28
CA LEU B 95 -24.01 4.90 32.94
C LEU B 95 -23.49 6.31 32.78
N VAL B 96 -24.25 7.26 33.34
CA VAL B 96 -23.80 8.66 33.41
C VAL B 96 -22.52 8.74 34.22
N ASN B 97 -22.51 8.04 35.35
CA ASN B 97 -21.34 8.02 36.24
C ASN B 97 -20.13 7.49 35.49
N PHE B 98 -20.35 6.40 34.79
CA PHE B 98 -19.27 5.77 33.98
C PHE B 98 -18.76 6.75 32.94
N ILE B 99 -19.72 7.39 32.29
CA ILE B 99 -19.47 8.38 31.22
C ILE B 99 -18.68 9.52 31.80
N ILE B 100 -18.94 9.97 33.02
CA ILE B 100 -18.26 11.03 33.68
C ILE B 100 -16.74 10.72 33.75
N ILE B 101 -16.51 9.53 34.29
CA ILE B 101 -15.11 9.06 34.44
C ILE B 101 -14.45 8.92 33.07
N ALA B 102 -15.20 8.32 32.19
CA ALA B 102 -14.81 8.08 30.78
C ALA B 102 -14.50 9.42 30.12
N PHE B 103 -15.38 10.38 30.34
CA PHE B 103 -15.25 11.73 29.78
C PHE B 103 -13.91 12.35 30.23
N ALA B 104 -13.65 12.19 31.53
CA ALA B 104 -12.46 12.72 32.17
C ALA B 104 -11.21 12.19 31.49
N VAL B 105 -11.20 10.89 31.18
CA VAL B 105 -10.04 10.30 30.54
C VAL B 105 -9.76 10.96 29.19
N PHE B 106 -10.84 11.22 28.44
CA PHE B 106 -10.79 11.77 27.11
C PHE B 106 -9.95 13.06 27.06
N ILE B 107 -10.23 13.94 28.04
CA ILE B 107 -9.55 15.20 28.16
C ILE B 107 -8.04 15.01 28.27
N ILE B 108 -7.65 14.05 29.10
CA ILE B 108 -6.27 13.69 29.31
C ILE B 108 -5.54 13.39 28.00
N ALA B 109 -6.25 12.72 27.09
CA ALA B 109 -5.69 12.35 25.80
C ALA B 109 -5.32 13.65 25.02
N LYS B 110 -6.23 14.60 25.05
CA LYS B 110 -5.97 15.84 24.32
C LYS B 110 -4.82 16.60 24.94
N LYS B 111 -4.73 16.58 26.27
CA LYS B 111 -3.61 17.20 26.98
C LYS B 111 -2.27 16.58 26.52
N VAL B 112 -2.29 15.26 26.45
CA VAL B 112 -1.12 14.50 26.02
C VAL B 112 -0.72 14.87 24.61
N LEU B 113 -1.71 15.00 23.74
CA LEU B 113 -1.53 15.39 22.34
C LEU B 113 -0.84 16.75 22.27
N GLN B 114 -1.34 17.67 23.09
CA GLN B 114 -0.78 19.04 23.18
C GLN B 114 0.70 18.96 23.54
N GLU B 115 0.95 18.17 24.58
CA GLU B 115 2.29 17.98 25.12
C GLU B 115 3.25 17.46 24.05
N GLU B 116 2.76 16.47 23.31
CA GLU B 116 3.51 15.89 22.19
C GLU B 116 3.81 16.96 21.16
N LYS B 117 2.83 17.82 20.88
CA LYS B 117 2.90 18.90 19.93
C LYS B 117 3.88 19.95 20.33
N VAL B 118 4.12 20.14 21.63
CA VAL B 118 5.11 21.10 22.12
C VAL B 118 6.62 20.89 21.84
N GLU B 119 7.02 19.63 21.91
CA GLU B 119 8.37 19.17 21.69
C GLU B 119 8.69 19.12 20.17
N LYS B 120 9.00 20.28 19.56
CA LYS B 120 9.47 20.45 18.13
C LYS B 120 8.44 20.81 17.02
N LYS B 121 8.77 21.81 16.19
CA LYS B 121 7.81 22.37 15.19
C LYS B 121 8.38 23.08 13.92
N MET B 122 7.93 22.64 12.74
CA MET B 122 8.26 23.25 11.42
C MET B 122 9.57 24.03 11.33
N THR B 123 10.66 23.43 11.82
CA THR B 123 11.93 24.15 11.86
C THR B 123 13.13 23.26 11.60
N LYS B 124 12.96 22.24 10.77
CA LYS B 124 14.04 21.25 10.62
C LYS B 124 14.44 20.81 9.20
N LYS B 125 15.06 19.63 9.18
CA LYS B 125 15.75 18.94 8.06
C LYS B 125 15.27 18.95 6.62
N VAL B 126 16.20 19.32 5.74
CA VAL B 126 15.96 19.43 4.30
C VAL B 126 16.48 18.23 3.51
N GLY B 127 17.78 18.02 3.54
CA GLY B 127 18.38 16.83 2.95
C GLY B 127 18.34 16.63 1.44
N ILE B 128 18.98 17.51 0.68
CA ILE B 128 19.00 17.42 -0.79
C ILE B 128 19.76 16.26 -1.41
N VAL B 129 19.20 15.78 -2.50
CA VAL B 129 19.83 14.78 -3.29
C VAL B 129 20.12 15.37 -4.66
N ASP B 130 21.19 14.87 -5.25
CA ASP B 130 21.74 15.49 -6.40
C ASP B 130 22.23 14.42 -7.32
N THR B 131 22.72 14.87 -8.45
CA THR B 131 23.18 14.04 -9.55
C THR B 131 24.63 13.57 -9.45
N THR B 132 25.02 12.75 -10.43
CA THR B 132 26.38 12.24 -10.58
C THR B 132 26.59 12.16 -12.10
N PHE B 133 25.50 12.29 -12.83
CA PHE B 133 25.54 12.28 -14.27
C PHE B 133 25.72 13.69 -14.70
N ALA B 134 25.47 14.60 -13.76
CA ALA B 134 25.50 16.05 -13.93
C ALA B 134 26.72 16.68 -14.57
N ARG B 135 26.45 17.78 -15.29
CA ARG B 135 27.50 18.62 -15.91
C ARG B 135 27.98 19.81 -15.05
N VAL B 136 27.34 20.04 -13.91
CA VAL B 136 27.73 21.08 -12.94
C VAL B 136 27.03 20.88 -11.62
N ASP B 137 27.80 20.91 -10.54
CA ASP B 137 27.28 20.75 -9.19
C ASP B 137 26.25 21.84 -8.93
N MET B 138 24.98 21.45 -8.86
CA MET B 138 23.93 22.38 -8.54
C MET B 138 23.93 22.52 -7.03
N ALA B 139 24.07 21.40 -6.33
CA ALA B 139 23.86 21.40 -4.89
C ALA B 139 24.35 22.65 -4.13
N SER B 140 25.53 23.17 -4.46
CA SER B 140 26.10 24.32 -3.74
C SER B 140 25.35 25.67 -3.80
N ILE B 141 24.80 26.00 -4.97
CA ILE B 141 24.15 27.28 -5.23
C ILE B 141 22.90 27.52 -4.38
N ALA B 142 22.13 26.46 -4.15
CA ALA B 142 20.94 26.52 -3.31
C ALA B 142 21.27 26.20 -1.85
N ILE B 143 22.22 25.29 -1.66
CA ILE B 143 22.69 24.93 -0.34
C ILE B 143 23.10 26.23 0.33
N LYS B 144 23.68 27.10 -0.49
CA LYS B 144 24.09 28.40 -0.05
C LYS B 144 22.87 29.23 0.31
N LYS B 145 22.12 29.61 -0.74
CA LYS B 145 20.90 30.41 -0.58
C LYS B 145 19.97 29.87 0.51
N LEU B 146 20.08 28.57 0.80
CA LEU B 146 19.24 27.92 1.78
C LEU B 146 19.64 28.39 3.16
N LYS B 147 20.86 28.02 3.58
CA LYS B 147 21.37 28.45 4.88
C LYS B 147 21.17 29.92 5.15
N GLU B 148 21.05 30.70 4.07
CA GLU B 148 20.81 32.15 4.16
C GLU B 148 19.42 32.46 4.70
N LEU B 149 18.40 32.06 3.95
CA LEU B 149 17.03 32.35 4.32
C LEU B 149 16.77 31.91 5.76
N SER B 150 17.70 31.12 6.29
CA SER B 150 17.72 30.70 7.69
C SER B 150 18.70 29.57 7.91
N PRO B 151 19.43 29.64 9.03
CA PRO B 151 20.43 28.68 9.47
C PRO B 151 19.85 27.39 10.07
N ASN B 152 18.63 27.49 10.63
CA ASN B 152 17.94 26.34 11.23
C ASN B 152 17.39 25.40 10.18
N ILE B 153 18.27 24.87 9.32
CA ILE B 153 17.88 23.92 8.27
C ILE B 153 19.00 22.90 8.05
N LYS B 154 19.20 22.01 9.02
CA LYS B 154 20.21 20.95 8.95
C LYS B 154 20.04 20.29 7.59
N ILE B 155 21.04 20.48 6.72
CA ILE B 155 21.04 19.93 5.35
C ILE B 155 21.72 18.55 5.38
N ILE B 156 21.15 17.58 4.66
CA ILE B 156 21.62 16.18 4.59
C ILE B 156 21.70 15.67 3.14
N ARG B 157 22.88 15.75 2.50
CA ARG B 157 23.03 15.33 1.08
C ARG B 157 23.01 13.82 0.83
N LYS B 158 23.43 13.46 -0.38
CA LYS B 158 23.58 12.08 -0.86
C LYS B 158 23.42 12.17 -2.38
N THR B 159 23.89 11.17 -3.12
CA THR B 159 23.81 11.21 -4.57
C THR B 159 23.71 9.80 -5.15
N VAL B 160 23.62 9.74 -6.48
CA VAL B 160 23.59 8.50 -7.26
C VAL B 160 24.04 8.88 -8.68
N PRO B 161 24.25 7.87 -9.55
CA PRO B 161 24.86 7.98 -10.92
C PRO B 161 24.10 8.06 -12.22
N GLY B 162 22.85 7.63 -12.24
CA GLY B 162 22.04 7.62 -13.43
C GLY B 162 20.87 8.38 -12.92
N ILE B 163 20.30 9.22 -13.79
CA ILE B 163 19.19 10.14 -13.53
C ILE B 163 17.86 9.49 -13.04
N LYS B 164 17.65 8.27 -13.48
CA LYS B 164 16.45 7.50 -13.20
C LYS B 164 16.40 6.98 -11.75
N ASP B 165 17.57 6.69 -11.21
CA ASP B 165 17.75 6.12 -9.87
C ASP B 165 17.13 6.94 -8.77
N LEU B 166 17.59 8.18 -8.64
CA LEU B 166 17.16 9.14 -7.60
C LEU B 166 15.90 8.75 -6.88
N PRO B 167 14.78 8.58 -7.64
CA PRO B 167 13.45 8.25 -7.12
C PRO B 167 13.46 7.48 -5.79
N VAL B 168 14.09 6.33 -5.81
CA VAL B 168 14.22 5.44 -4.67
C VAL B 168 14.88 6.20 -3.50
N ALA B 169 15.97 6.89 -3.85
CA ALA B 169 16.79 7.62 -2.89
C ALA B 169 15.90 8.70 -2.24
N CYS B 170 15.41 9.57 -3.11
CA CYS B 170 14.50 10.64 -2.74
C CYS B 170 13.38 10.15 -1.83
N LYS B 171 12.85 9.01 -2.18
CA LYS B 171 11.82 8.30 -1.42
C LYS B 171 12.41 7.99 -0.02
N LYS B 172 13.61 7.38 -0.09
CA LYS B 172 14.24 6.80 1.09
C LYS B 172 14.40 7.86 2.18
N LEU B 173 14.97 8.98 1.74
CA LEU B 173 15.15 10.15 2.62
C LEU B 173 13.85 10.60 3.28
N LEU B 174 12.85 10.82 2.42
CA LEU B 174 11.54 11.26 2.90
C LEU B 174 10.93 10.32 3.93
N GLU B 175 11.23 9.02 3.75
CA GLU B 175 10.69 7.96 4.56
C GLU B 175 11.51 7.56 5.77
N GLU B 176 12.83 7.48 5.63
CA GLU B 176 13.70 6.99 6.72
C GLU B 176 14.60 8.05 7.40
N GLU B 177 14.17 9.30 7.30
CA GLU B 177 14.80 10.45 7.90
C GLU B 177 13.68 11.46 7.69
N GLY B 178 13.52 12.42 8.58
CA GLY B 178 12.42 13.36 8.40
C GLY B 178 12.66 14.44 7.37
N CYS B 179 13.31 14.11 6.25
CA CYS B 179 13.47 15.09 5.20
C CYS B 179 12.01 15.39 4.92
N ASP B 180 11.56 16.56 5.40
CA ASP B 180 10.18 17.00 5.28
C ASP B 180 10.04 17.74 3.98
N ILE B 181 10.95 17.41 3.08
CA ILE B 181 10.98 17.85 1.69
C ILE B 181 12.30 17.38 1.15
N VAL B 182 12.58 17.74 -0.09
CA VAL B 182 13.83 17.40 -0.70
C VAL B 182 13.80 17.99 -2.06
N MET B 183 14.99 18.17 -2.59
CA MET B 183 15.17 18.66 -3.93
C MET B 183 15.62 17.48 -4.72
N ALA B 184 16.09 17.72 -5.89
CA ALA B 184 16.54 16.67 -6.68
C ALA B 184 17.00 17.82 -7.46
N LEU B 185 18.16 17.69 -8.04
CA LEU B 185 18.74 18.69 -8.85
C LEU B 185 19.24 17.65 -9.80
N GLY B 186 18.57 17.56 -10.94
CA GLY B 186 18.96 16.61 -11.92
C GLY B 186 19.75 17.26 -13.03
N MET B 187 19.82 16.54 -14.14
CA MET B 187 20.23 17.08 -15.40
C MET B 187 19.89 15.95 -16.35
N PRO B 188 19.38 16.30 -17.52
CA PRO B 188 19.07 15.34 -18.57
C PRO B 188 20.17 15.29 -19.61
N GLY B 189 20.02 14.38 -20.57
CA GLY B 189 20.95 14.21 -21.66
C GLY B 189 20.39 14.80 -22.93
N LYS B 190 21.23 14.84 -23.97
CA LYS B 190 20.86 15.44 -25.26
C LYS B 190 20.18 14.48 -26.25
N ALA B 191 19.99 14.98 -27.47
CA ALA B 191 19.30 14.27 -28.56
C ALA B 191 17.78 14.22 -28.34
N GLU B 192 17.02 14.16 -29.42
CA GLU B 192 15.55 14.13 -29.35
C GLU B 192 15.00 12.73 -29.04
N LYS B 193 15.70 12.02 -28.17
CA LYS B 193 15.31 10.67 -27.76
C LYS B 193 15.40 10.49 -26.25
N ASP B 194 16.41 11.12 -25.65
CA ASP B 194 16.64 11.05 -24.21
C ASP B 194 15.58 11.79 -23.42
N LYS B 195 14.77 12.58 -24.12
CA LYS B 195 13.69 13.35 -23.50
C LYS B 195 12.77 12.44 -22.68
N VAL B 196 12.72 11.17 -23.09
CA VAL B 196 11.92 10.14 -22.46
C VAL B 196 12.23 10.04 -20.96
N CYS B 197 13.52 10.13 -20.64
CA CYS B 197 14.05 9.94 -19.33
C CYS B 197 13.35 10.87 -18.37
N ALA B 198 13.33 12.14 -18.71
CA ALA B 198 12.74 13.20 -17.91
C ALA B 198 11.31 12.87 -17.50
N HIS B 199 10.53 12.40 -18.48
CA HIS B 199 9.16 11.99 -18.31
C HIS B 199 9.19 10.86 -17.29
N GLU B 200 9.85 9.81 -17.66
CA GLU B 200 9.98 8.58 -16.86
C GLU B 200 10.27 8.80 -15.41
N ALA B 201 11.31 9.57 -15.15
CA ALA B 201 11.87 9.85 -13.83
C ALA B 201 10.79 10.59 -13.05
N SER B 202 10.39 11.69 -13.63
CA SER B 202 9.39 12.62 -13.07
C SER B 202 8.17 11.92 -12.54
N LEU B 203 7.60 11.03 -13.36
CA LEU B 203 6.38 10.31 -12.92
C LEU B 203 6.64 9.52 -11.68
N GLY B 204 7.85 8.95 -11.63
CA GLY B 204 8.35 8.20 -10.45
C GLY B 204 8.53 9.24 -9.36
N LEU B 205 9.36 10.21 -9.65
CA LEU B 205 9.52 11.34 -8.66
C LEU B 205 8.09 11.51 -8.15
N MET B 206 7.15 11.68 -9.10
CA MET B 206 5.78 11.95 -8.82
C MET B 206 5.14 10.97 -7.84
N LEU B 207 5.18 9.68 -8.18
CA LEU B 207 4.68 8.70 -7.21
C LEU B 207 5.39 8.98 -5.88
N ALA B 208 6.72 9.06 -5.95
CA ALA B 208 7.57 9.29 -4.78
C ALA B 208 6.90 10.20 -3.77
N GLN B 209 6.45 11.32 -4.32
CA GLN B 209 5.75 12.31 -3.53
C GLN B 209 4.48 11.63 -3.10
N LEU B 210 3.75 11.13 -4.09
CA LEU B 210 2.47 10.48 -3.87
C LEU B 210 2.52 9.42 -2.78
N MET B 211 3.52 8.55 -2.82
CA MET B 211 3.63 7.54 -1.79
C MET B 211 3.72 8.21 -0.43
N THR B 212 4.26 9.42 -0.43
CA THR B 212 4.45 10.15 0.82
C THR B 212 4.19 11.65 0.79
N ASN B 213 3.39 12.12 1.75
CA ASN B 213 2.97 13.52 1.83
C ASN B 213 4.15 14.46 2.05
N LYS B 214 4.95 14.69 1.01
CA LYS B 214 6.11 15.57 1.13
C LYS B 214 6.51 16.02 -0.24
N HIS B 215 6.65 17.33 -0.35
CA HIS B 215 6.93 17.94 -1.63
C HIS B 215 8.33 17.64 -2.16
N ILE B 216 8.39 16.90 -3.26
CA ILE B 216 9.62 16.65 -3.98
C ILE B 216 9.77 17.79 -4.97
N ILE B 217 10.84 18.54 -4.83
CA ILE B 217 11.06 19.58 -5.80
C ILE B 217 11.97 19.07 -6.87
N GLU B 218 11.38 18.52 -7.93
CA GLU B 218 12.15 18.15 -9.10
C GLU B 218 12.87 19.41 -9.48
N VAL B 219 14.00 19.25 -10.14
CA VAL B 219 14.87 20.38 -10.43
C VAL B 219 15.46 20.23 -11.82
N PHE B 220 14.83 19.42 -12.65
CA PHE B 220 15.34 19.14 -13.99
C PHE B 220 15.81 20.35 -14.78
N VAL B 221 17.00 20.26 -15.36
CA VAL B 221 17.61 21.40 -16.03
C VAL B 221 18.25 21.05 -17.36
N HIS B 222 17.41 20.70 -18.33
CA HIS B 222 17.86 20.29 -19.66
C HIS B 222 18.92 21.11 -20.35
N GLU B 223 19.69 20.41 -21.14
CA GLU B 223 20.82 20.97 -21.86
C GLU B 223 20.52 21.48 -23.27
N ASP B 224 19.25 21.49 -23.66
CA ASP B 224 18.82 22.01 -24.95
C ASP B 224 18.33 23.44 -24.77
N GLU B 225 18.70 24.02 -23.64
CA GLU B 225 18.32 25.38 -23.26
C GLU B 225 19.54 26.28 -23.27
N ALA B 226 20.49 25.98 -24.15
CA ALA B 226 21.73 26.73 -24.30
C ALA B 226 22.35 26.55 -25.69
N LYS B 227 23.37 27.36 -25.98
CA LYS B 227 24.09 27.31 -27.25
C LYS B 227 25.54 26.88 -27.03
N ASP B 228 26.01 27.04 -25.80
CA ASP B 228 27.36 26.63 -25.42
C ASP B 228 27.40 26.18 -23.97
N ASP B 229 28.61 26.02 -23.46
CA ASP B 229 28.85 25.60 -22.04
C ASP B 229 28.37 26.60 -20.95
N LYS B 230 29.04 27.75 -20.97
CA LYS B 230 28.90 28.78 -19.96
C LYS B 230 27.46 29.23 -19.84
N GLU B 231 26.79 29.38 -20.99
CA GLU B 231 25.42 29.83 -21.05
C GLU B 231 24.60 28.92 -20.15
N LEU B 232 24.70 27.62 -20.45
CA LEU B 232 23.91 26.60 -19.74
C LEU B 232 24.22 26.65 -18.24
N ASP B 233 25.51 26.67 -17.98
CA ASP B 233 25.99 26.70 -16.57
C ASP B 233 25.09 27.64 -15.77
N TRP B 234 25.06 28.89 -16.20
CA TRP B 234 24.25 29.92 -15.58
C TRP B 234 22.83 29.41 -15.39
N LEU B 235 22.15 29.29 -16.53
CA LEU B 235 20.74 28.80 -16.50
C LEU B 235 20.58 27.85 -15.32
N ALA B 236 21.51 26.93 -15.23
CA ALA B 236 21.57 25.82 -14.30
C ALA B 236 21.45 25.99 -12.81
N LYS B 237 22.43 26.66 -12.22
CA LYS B 237 22.49 26.88 -10.80
C LYS B 237 21.44 27.94 -10.55
N ARG B 238 21.52 28.98 -11.38
CA ARG B 238 20.59 30.11 -11.26
C ARG B 238 19.23 29.54 -10.87
N ARG B 239 18.80 28.58 -11.71
CA ARG B 239 17.48 27.94 -11.48
C ARG B 239 17.49 27.29 -10.15
N ALA B 240 18.56 26.52 -9.86
CA ALA B 240 18.74 25.81 -8.58
C ALA B 240 18.35 26.69 -7.36
N GLU B 241 18.98 27.87 -7.33
CA GLU B 241 18.77 28.75 -6.18
C GLU B 241 17.31 29.10 -6.11
N GLU B 242 16.73 29.51 -7.24
CA GLU B 242 15.35 29.95 -7.32
C GLU B 242 14.45 28.94 -6.59
N HIS B 243 14.67 27.68 -6.90
CA HIS B 243 13.86 26.62 -6.28
C HIS B 243 14.13 26.57 -4.80
N ALA B 244 15.44 26.58 -4.48
CA ALA B 244 15.80 26.58 -3.02
C ALA B 244 14.84 27.63 -2.39
N GLU B 245 14.88 28.78 -3.02
CA GLU B 245 14.10 29.97 -2.63
C GLU B 245 12.68 29.64 -2.18
N ASN B 246 11.96 29.03 -3.10
CA ASN B 246 10.57 28.58 -2.81
C ASN B 246 10.56 27.61 -1.65
N VAL B 247 11.65 26.81 -1.57
CA VAL B 247 11.77 25.76 -0.53
C VAL B 247 11.74 26.40 0.81
N TYR B 248 12.45 27.52 1.01
CA TYR B 248 12.32 28.25 2.29
C TYR B 248 10.85 28.55 2.61
N TYR B 249 10.17 28.97 1.55
CA TYR B 249 8.77 29.34 1.63
C TYR B 249 7.86 28.16 1.91
N LEU B 250 7.83 27.21 0.97
CA LEU B 250 6.99 26.01 1.07
C LEU B 250 7.02 25.38 2.45
N LEU B 251 8.12 25.61 3.16
CA LEU B 251 8.32 25.09 4.51
C LEU B 251 7.65 25.95 5.58
N PHE B 252 8.08 27.21 5.69
CA PHE B 252 7.57 28.16 6.69
C PHE B 252 6.66 29.21 6.07
N LYS B 253 7.20 29.96 5.12
CA LYS B 253 6.53 31.10 4.50
C LYS B 253 5.56 30.64 3.38
N PRO B 254 4.25 30.49 3.69
CA PRO B 254 3.22 30.08 2.73
C PRO B 254 2.41 31.22 2.10
N GLU B 255 2.35 32.31 2.86
CA GLU B 255 1.71 33.55 2.42
C GLU B 255 2.41 34.07 1.20
N TYR B 256 3.76 34.00 1.19
CA TYR B 256 4.58 34.58 0.14
C TYR B 256 4.08 34.10 -1.27
N LEU B 257 3.98 32.79 -1.34
CA LEU B 257 3.51 32.12 -2.54
C LEU B 257 2.10 32.45 -2.80
N THR B 258 1.25 32.61 -1.77
CA THR B 258 -0.16 32.89 -1.89
C THR B 258 -0.38 34.14 -2.80
N ARG B 259 0.37 35.17 -2.41
CA ARG B 259 0.27 36.46 -3.09
C ARG B 259 0.72 36.32 -4.54
N MET B 260 1.84 35.62 -4.71
CA MET B 260 2.40 35.44 -6.06
C MET B 260 1.21 35.19 -6.96
N ALA B 261 0.31 34.37 -6.43
CA ALA B 261 -0.93 34.01 -7.08
C ALA B 261 -0.68 33.57 -8.53
N GLY B 262 -1.28 34.28 -9.48
CA GLY B 262 -1.09 33.99 -10.89
C GLY B 262 -0.02 34.92 -11.42
N LYS B 263 0.65 35.62 -10.52
CA LYS B 263 1.58 36.69 -10.89
C LYS B 263 2.99 36.27 -11.28
N GLY B 264 3.30 36.41 -12.56
CA GLY B 264 4.63 36.13 -13.10
C GLY B 264 5.27 34.81 -12.70
N LEU B 265 6.30 34.92 -11.86
CA LEU B 265 7.05 33.76 -11.37
C LEU B 265 7.10 32.56 -12.31
N ARG B 266 8.14 32.57 -13.15
CA ARG B 266 8.42 31.56 -14.19
C ARG B 266 9.89 31.10 -14.16
N GLN B 267 10.35 30.69 -12.96
CA GLN B 267 11.73 30.20 -12.74
C GLN B 267 12.36 29.68 -14.02
N GLY B 268 13.44 30.31 -14.44
CA GLY B 268 14.09 29.89 -15.68
C GLY B 268 14.83 31.02 -16.34
N PHE B 269 14.61 31.15 -17.66
CA PHE B 269 15.32 32.10 -18.50
C PHE B 269 15.23 33.56 -18.04
N GLU B 270 14.03 34.15 -18.11
CA GLU B 270 13.80 35.54 -17.70
C GLU B 270 12.37 35.68 -17.19
N ASP B 271 12.19 35.53 -15.88
CA ASP B 271 10.90 35.59 -15.20
C ASP B 271 9.78 36.21 -16.04
N ALA B 272 8.75 35.41 -16.36
CA ALA B 272 7.63 35.84 -17.21
C ALA B 272 6.41 36.29 -16.42
N GLY B 273 6.15 37.59 -16.46
CA GLY B 273 5.08 38.22 -15.67
C GLY B 273 3.71 37.58 -15.80
N PRO B 274 2.78 37.99 -14.93
CA PRO B 274 1.40 37.50 -14.92
C PRO B 274 0.64 37.98 -16.16
N PHE C 24 21.99 11.07 26.69
CA PHE C 24 20.55 11.33 26.98
C PHE C 24 19.85 12.08 25.84
N SER C 25 20.62 12.92 25.15
CA SER C 25 20.11 13.68 24.02
C SER C 25 19.94 12.79 22.79
N GLU C 26 20.12 11.48 23.00
CA GLU C 26 20.04 10.48 21.96
C GLU C 26 18.80 9.63 22.18
N PHE C 27 18.36 9.58 23.44
CA PHE C 27 17.18 8.84 23.85
C PHE C 27 15.91 9.36 23.19
N LYS C 28 15.73 10.68 23.25
CA LYS C 28 14.58 11.31 22.59
C LYS C 28 14.27 10.77 21.19
N GLU C 29 15.20 10.01 20.62
CA GLU C 29 15.08 9.51 19.28
C GLU C 29 14.12 8.32 19.27
N PHE C 30 14.30 7.41 20.22
CA PHE C 30 13.56 6.17 20.26
C PHE C 30 12.07 6.47 20.41
N LEU C 31 11.81 7.28 21.45
CA LEU C 31 10.43 7.73 21.75
C LEU C 31 9.69 8.28 20.52
N TYR C 32 10.47 8.88 19.64
CA TYR C 32 9.95 9.45 18.40
C TYR C 32 9.72 8.44 17.27
N GLU C 33 10.81 7.75 16.90
CA GLU C 33 10.78 6.82 15.77
C GLU C 33 9.75 5.72 15.89
N TYR C 34 9.56 5.20 17.10
CA TYR C 34 8.62 4.09 17.35
C TYR C 34 7.25 4.59 17.82
N LYS C 35 7.18 5.85 18.25
CA LYS C 35 5.93 6.46 18.73
C LYS C 35 5.23 5.57 19.76
N VAL C 36 5.85 5.47 20.93
CA VAL C 36 5.31 4.65 21.99
C VAL C 36 4.14 5.32 22.71
N ILE C 37 3.94 6.60 22.44
CA ILE C 37 2.84 7.34 23.10
C ILE C 37 1.48 7.05 22.47
N PRO C 38 1.44 7.08 21.12
CA PRO C 38 0.22 6.85 20.39
C PRO C 38 -0.48 5.54 20.82
N LEU C 39 0.36 4.53 21.00
CA LEU C 39 -0.14 3.21 21.40
C LEU C 39 -0.63 3.29 22.82
N ALA C 40 0.26 3.77 23.69
CA ALA C 40 -0.04 3.98 25.11
C ALA C 40 -1.36 4.67 25.37
N ILE C 41 -1.77 5.51 24.40
CA ILE C 41 -3.00 6.27 24.45
C ILE C 41 -4.13 5.39 23.95
N ALA C 42 -4.07 5.07 22.65
CA ALA C 42 -5.05 4.24 21.99
C ALA C 42 -5.37 2.95 22.75
N PHE C 43 -4.33 2.43 23.42
CA PHE C 43 -4.45 1.20 24.17
C PHE C 43 -5.33 1.50 25.37
N ILE C 44 -4.83 2.40 26.24
CA ILE C 44 -5.59 2.84 27.40
C ILE C 44 -7.03 3.28 27.07
N MET C 45 -7.12 3.91 25.89
CA MET C 45 -8.39 4.41 25.37
C MET C 45 -9.37 3.26 25.20
N GLY C 46 -8.86 2.13 24.66
CA GLY C 46 -9.63 0.95 24.40
C GLY C 46 -10.31 0.47 25.69
N ILE C 47 -9.53 0.44 26.76
CA ILE C 47 -10.07 0.00 28.05
C ILE C 47 -11.24 0.89 28.50
N ALA C 48 -11.00 2.18 28.36
CA ALA C 48 -11.98 3.20 28.72
C ALA C 48 -13.21 3.12 27.81
N SER C 49 -12.92 2.95 26.52
CA SER C 49 -13.91 2.90 25.47
C SER C 49 -14.76 1.65 25.47
N THR C 50 -14.22 0.57 26.06
CA THR C 50 -14.88 -0.72 26.04
C THR C 50 -15.84 -0.83 27.21
N ALA C 51 -15.26 -0.62 28.39
CA ALA C 51 -16.03 -0.56 29.65
C ALA C 51 -17.23 0.39 29.53
N LEU C 52 -17.11 1.34 28.60
CA LEU C 52 -18.07 2.39 28.38
C LEU C 52 -19.27 1.72 27.76
N ILE C 53 -19.07 1.23 26.54
CA ILE C 53 -20.09 0.50 25.78
C ILE C 53 -20.68 -0.62 26.59
N LYS C 54 -19.89 -1.14 27.54
CA LYS C 54 -20.34 -2.31 28.36
C LYS C 54 -21.40 -1.84 29.29
N SER C 55 -21.08 -0.82 30.13
CA SER C 55 -22.07 -0.35 31.11
C SER C 55 -23.47 -0.06 30.50
N PHE C 56 -23.42 0.33 29.23
CA PHE C 56 -24.61 0.65 28.46
C PHE C 56 -25.49 -0.56 28.35
N VAL C 57 -24.90 -1.75 28.23
CA VAL C 57 -25.65 -3.01 28.10
C VAL C 57 -25.92 -3.56 29.49
N ASP C 58 -24.83 -3.80 30.22
CA ASP C 58 -24.85 -4.34 31.58
C ASP C 58 -25.85 -3.61 32.47
N ASN C 59 -26.17 -2.38 32.12
CA ASN C 59 -27.01 -1.56 32.97
C ASN C 59 -28.18 -0.84 32.31
N ILE C 60 -28.44 -1.11 31.03
CA ILE C 60 -29.53 -0.43 30.32
C ILE C 60 -30.32 -1.32 29.38
N ILE C 61 -29.66 -1.74 28.31
CA ILE C 61 -30.28 -2.56 27.26
C ILE C 61 -30.80 -3.91 27.73
N MET C 62 -30.31 -4.38 28.87
CA MET C 62 -30.70 -5.69 29.38
C MET C 62 -31.65 -5.72 30.58
N PRO C 63 -31.33 -4.96 31.65
CA PRO C 63 -32.13 -5.00 32.88
C PRO C 63 -33.60 -4.54 32.73
N ILE C 64 -34.22 -4.85 31.59
CA ILE C 64 -35.62 -4.52 31.33
C ILE C 64 -36.05 -4.99 29.96
N ILE C 65 -35.17 -4.80 28.97
CA ILE C 65 -35.47 -5.21 27.61
C ILE C 65 -35.56 -6.73 27.52
N THR C 66 -34.99 -7.41 28.51
CA THR C 66 -34.93 -8.88 28.49
C THR C 66 -35.43 -9.61 29.76
N PRO C 67 -35.51 -8.92 30.92
CA PRO C 67 -36.00 -9.64 32.10
C PRO C 67 -37.48 -10.00 31.99
N PHE C 68 -37.93 -10.82 32.92
CA PHE C 68 -39.32 -11.32 32.94
C PHE C 68 -39.93 -11.53 31.56
N VAL C 69 -39.21 -12.31 30.74
CA VAL C 69 -39.62 -12.67 29.39
C VAL C 69 -38.88 -13.99 29.07
N GLY C 82 -39.18 -35.62 32.11
CA GLY C 82 -37.78 -35.99 32.10
C GLY C 82 -37.18 -36.11 30.72
N PRO C 83 -35.86 -36.04 30.63
CA PRO C 83 -35.21 -36.18 29.32
C PRO C 83 -35.18 -37.64 28.85
N ILE C 84 -35.16 -37.83 27.52
CA ILE C 84 -34.94 -39.15 26.94
C ILE C 84 -33.45 -39.23 27.16
N VAL C 85 -32.98 -38.11 27.71
CA VAL C 85 -31.68 -37.90 28.30
C VAL C 85 -30.40 -38.51 27.69
N ILE C 86 -29.46 -38.57 28.64
CA ILE C 86 -28.07 -39.02 28.70
C ILE C 86 -27.28 -37.86 29.40
N SER C 87 -26.28 -37.24 28.76
CA SER C 87 -25.56 -36.13 29.40
C SER C 87 -26.53 -34.96 29.49
N TRP C 88 -27.12 -34.73 28.31
CA TRP C 88 -28.35 -33.98 27.94
C TRP C 88 -28.94 -32.60 28.26
N GLY C 89 -30.11 -32.66 28.90
CA GLY C 89 -30.97 -31.49 29.11
C GLY C 89 -30.55 -30.34 30.03
N ALA C 90 -29.34 -30.41 30.59
CA ALA C 90 -28.83 -29.32 31.42
C ALA C 90 -27.70 -28.69 30.61
N PHE C 91 -27.13 -29.53 29.75
CA PHE C 91 -26.04 -29.19 28.85
C PHE C 91 -26.66 -28.24 27.85
N LEU C 92 -27.65 -28.76 27.13
CA LEU C 92 -28.34 -28.04 26.05
C LEU C 92 -28.87 -26.67 26.59
N GLY C 93 -29.55 -26.80 27.72
CA GLY C 93 -30.18 -25.69 28.40
C GLY C 93 -29.21 -24.60 28.76
N GLU C 94 -27.94 -24.95 29.01
CA GLU C 94 -26.92 -24.03 29.39
C GLU C 94 -26.34 -23.41 28.11
N LEU C 95 -26.39 -24.21 27.04
CA LEU C 95 -25.89 -23.79 25.75
C LEU C 95 -26.73 -22.62 25.22
N VAL C 96 -28.05 -22.74 25.38
CA VAL C 96 -28.97 -21.70 24.93
C VAL C 96 -28.81 -20.46 25.75
N ASN C 97 -28.51 -20.60 27.03
CA ASN C 97 -28.35 -19.44 27.92
C ASN C 97 -27.11 -18.68 27.48
N PHE C 98 -26.00 -19.43 27.32
CA PHE C 98 -24.75 -18.87 26.88
C PHE C 98 -24.87 -18.22 25.52
N ILE C 99 -25.72 -18.72 24.65
CA ILE C 99 -26.03 -18.15 23.35
C ILE C 99 -26.80 -16.85 23.49
N ILE C 100 -27.68 -16.84 24.48
CA ILE C 100 -28.58 -15.68 24.72
C ILE C 100 -27.74 -14.47 25.03
N ILE C 101 -26.76 -14.65 25.91
CA ILE C 101 -25.86 -13.56 26.32
C ILE C 101 -25.20 -12.87 25.13
N ALA C 102 -24.85 -13.68 24.15
CA ALA C 102 -24.29 -13.20 22.88
C ALA C 102 -25.24 -12.28 22.20
N PHE C 103 -26.54 -12.63 22.20
CA PHE C 103 -27.61 -11.82 21.60
C PHE C 103 -27.60 -10.44 22.22
N ALA C 104 -27.47 -10.34 23.53
CA ALA C 104 -27.42 -9.08 24.24
C ALA C 104 -26.30 -8.18 23.69
N VAL C 105 -25.14 -8.82 23.58
CA VAL C 105 -23.93 -8.16 23.08
C VAL C 105 -24.17 -7.62 21.68
N PHE C 106 -24.77 -8.47 20.85
CA PHE C 106 -25.10 -8.14 19.46
C PHE C 106 -26.00 -6.89 19.41
N ILE C 107 -27.00 -6.91 20.27
CA ILE C 107 -27.97 -5.82 20.38
C ILE C 107 -27.26 -4.51 20.73
N ILE C 108 -26.35 -4.62 21.70
CA ILE C 108 -25.58 -3.48 22.15
C ILE C 108 -24.75 -2.90 21.00
N ALA C 109 -24.13 -3.80 20.27
CA ALA C 109 -23.31 -3.45 19.11
C ALA C 109 -24.14 -2.68 18.09
N LYS C 110 -25.32 -3.20 17.84
CA LYS C 110 -26.28 -2.62 16.89
C LYS C 110 -26.61 -1.18 17.32
N LYS C 111 -26.89 -1.04 18.62
CA LYS C 111 -27.26 0.23 19.22
C LYS C 111 -26.14 1.24 18.99
N VAL C 112 -24.92 0.79 19.27
CA VAL C 112 -23.78 1.71 19.15
C VAL C 112 -23.60 2.13 17.69
N LEU C 113 -23.78 1.16 16.79
CA LEU C 113 -23.64 1.43 15.35
C LEU C 113 -24.69 2.47 14.93
N GLN C 114 -25.89 2.28 15.42
CA GLN C 114 -27.05 3.04 15.00
C GLN C 114 -26.85 4.49 15.35
N GLU C 115 -26.40 4.72 16.60
CA GLU C 115 -26.20 6.08 17.11
C GLU C 115 -25.32 6.85 16.12
N GLU C 116 -24.30 6.14 15.64
CA GLU C 116 -23.41 6.62 14.60
C GLU C 116 -24.29 7.26 13.52
N LYS C 117 -24.02 8.52 13.22
CA LYS C 117 -24.87 9.29 12.30
C LYS C 117 -24.36 9.48 10.87
N VAL C 118 -25.30 9.89 10.02
CA VAL C 118 -25.01 10.29 8.64
C VAL C 118 -25.27 11.79 8.64
N GLU C 119 -25.18 12.38 9.83
CA GLU C 119 -25.49 13.80 10.06
C GLU C 119 -24.42 14.80 9.63
N LYS C 120 -24.90 15.85 8.98
CA LYS C 120 -24.09 16.95 8.49
C LYS C 120 -23.10 16.55 7.42
N LYS C 121 -23.17 15.30 6.97
CA LYS C 121 -22.43 14.85 5.81
C LYS C 121 -22.97 15.74 4.69
N MET C 122 -22.06 16.34 3.94
CA MET C 122 -22.39 17.15 2.76
C MET C 122 -22.83 18.60 2.95
CA THR C 123 -22.53 20.73 4.33
C THR C 123 -21.09 21.21 4.43
N LYS C 124 -20.16 20.37 4.01
CA LYS C 124 -18.74 20.52 4.35
C LYS C 124 -17.77 21.35 3.50
N LYS C 125 -16.51 21.28 3.93
CA LYS C 125 -15.36 22.04 3.45
C LYS C 125 -14.81 21.68 2.06
N VAL C 126 -14.50 22.71 1.28
CA VAL C 126 -14.00 22.62 -0.09
C VAL C 126 -12.46 22.67 -0.25
N GLY C 127 -11.88 23.88 -0.21
CA GLY C 127 -10.44 24.04 -0.36
C GLY C 127 -9.93 24.01 -1.79
N ILE C 128 -9.18 25.04 -2.20
CA ILE C 128 -8.61 25.10 -3.55
C ILE C 128 -7.10 25.29 -3.55
N VAL C 129 -6.44 24.61 -4.47
CA VAL C 129 -5.00 24.68 -4.62
C VAL C 129 -4.63 25.50 -5.84
N ASP C 130 -3.58 26.31 -5.69
CA ASP C 130 -3.12 27.19 -6.75
C ASP C 130 -1.64 27.15 -7.10
N THR C 131 -1.33 27.83 -8.20
CA THR C 131 -0.02 27.88 -8.83
C THR C 131 0.69 29.23 -8.60
N THR C 132 1.98 29.27 -8.94
CA THR C 132 2.85 30.47 -8.86
C THR C 132 3.73 30.48 -10.12
N PHE C 133 3.50 29.50 -10.97
CA PHE C 133 4.18 29.29 -12.23
C PHE C 133 3.11 29.77 -13.20
N ALA C 134 1.96 30.11 -12.61
CA ALA C 134 0.75 30.58 -13.29
C ALA C 134 0.87 32.01 -13.81
N ARG C 135 -0.12 32.43 -14.58
CA ARG C 135 -0.13 33.76 -15.18
C ARG C 135 -1.44 34.55 -14.91
N VAL C 136 -2.47 33.90 -14.40
CA VAL C 136 -3.78 34.53 -14.11
C VAL C 136 -4.34 34.00 -12.81
N ASP C 137 -4.55 34.83 -11.79
CA ASP C 137 -5.11 34.23 -10.58
C ASP C 137 -6.56 33.83 -10.72
N MET C 138 -6.76 32.56 -11.01
CA MET C 138 -8.08 32.00 -11.18
C MET C 138 -8.66 31.82 -9.78
N ALA C 139 -7.80 31.43 -8.85
CA ALA C 139 -8.18 31.21 -7.46
C ALA C 139 -9.48 31.87 -7.04
N SER C 140 -9.48 33.20 -7.01
CA SER C 140 -10.65 33.94 -6.57
C SER C 140 -11.88 33.75 -7.47
N ILE C 141 -11.67 33.82 -8.78
CA ILE C 141 -12.75 33.64 -9.75
C ILE C 141 -13.79 32.65 -9.21
N ALA C 142 -13.37 31.40 -9.00
CA ALA C 142 -14.31 30.37 -8.58
C ALA C 142 -14.79 30.61 -7.16
N ILE C 143 -13.82 30.91 -6.29
CA ILE C 143 -14.08 31.23 -4.88
C ILE C 143 -15.35 32.05 -4.74
N LYS C 144 -15.56 32.98 -5.70
CA LYS C 144 -16.70 33.85 -5.71
C LYS C 144 -17.93 33.00 -5.95
N LYS C 145 -18.03 32.49 -7.19
CA LYS C 145 -19.18 31.68 -7.60
C LYS C 145 -19.63 30.70 -6.53
N LEU C 146 -18.62 30.20 -5.79
CA LEU C 146 -18.84 29.21 -4.73
C LEU C 146 -19.57 29.64 -3.46
N LYS C 147 -18.94 30.50 -2.66
CA LYS C 147 -19.55 30.96 -1.41
C LYS C 147 -20.92 31.49 -1.81
N GLU C 148 -20.97 31.91 -3.05
CA GLU C 148 -22.16 32.45 -3.69
C GLU C 148 -23.38 31.54 -3.72
N LEU C 149 -23.24 30.40 -4.38
CA LEU C 149 -24.36 29.46 -4.49
C LEU C 149 -24.65 28.90 -3.10
N SER C 150 -23.63 28.88 -2.24
CA SER C 150 -23.79 28.41 -0.88
C SER C 150 -22.80 29.10 0.03
N PRO C 151 -23.29 29.73 1.12
CA PRO C 151 -22.46 30.44 2.08
C PRO C 151 -21.71 29.55 3.08
N ASN C 152 -22.34 28.45 3.50
CA ASN C 152 -21.71 27.53 4.44
C ASN C 152 -20.72 26.61 3.73
N ILE C 153 -19.66 27.18 3.16
CA ILE C 153 -18.61 26.40 2.49
C ILE C 153 -17.24 26.99 2.82
N LYS C 154 -16.81 26.82 4.07
CA LYS C 154 -15.48 27.26 4.49
C LYS C 154 -14.54 26.78 3.42
N ILE C 155 -13.84 27.71 2.79
CA ILE C 155 -12.91 27.35 1.76
C ILE C 155 -11.49 27.31 2.34
N ILE C 156 -10.61 26.54 1.71
CA ILE C 156 -9.22 26.51 2.13
C ILE C 156 -8.26 26.61 0.96
N ARG C 157 -7.30 27.51 1.09
CA ARG C 157 -6.27 27.81 0.09
C ARG C 157 -4.87 27.34 0.51
N LYS C 158 -4.02 27.10 -0.48
CA LYS C 158 -2.62 26.75 -0.29
C LYS C 158 -2.08 26.73 -1.70
N THR C 159 -0.79 26.97 -1.86
CA THR C 159 -0.20 27.06 -3.22
C THR C 159 1.16 26.38 -3.30
N VAL C 160 1.68 26.34 -4.53
CA VAL C 160 3.00 25.81 -4.80
C VAL C 160 3.53 26.28 -6.14
N PRO C 161 4.86 26.30 -6.27
CA PRO C 161 5.76 26.74 -7.36
C PRO C 161 5.45 26.47 -8.84
N GLY C 162 5.35 25.21 -9.23
CA GLY C 162 5.06 24.89 -10.61
C GLY C 162 3.84 24.01 -10.57
N ILE C 163 3.58 23.37 -11.69
CA ILE C 163 2.50 22.38 -11.86
C ILE C 163 2.93 21.00 -11.31
N LYS C 164 4.20 20.67 -11.56
CA LYS C 164 4.79 19.40 -11.19
C LYS C 164 5.02 19.37 -9.68
N ASP C 165 3.91 19.27 -8.94
CA ASP C 165 3.95 19.25 -7.50
C ASP C 165 2.59 19.16 -6.86
N LEU C 166 1.69 20.04 -7.30
CA LEU C 166 0.31 20.10 -6.84
C LEU C 166 -0.13 18.82 -6.13
N PRO C 167 0.07 17.64 -6.76
CA PRO C 167 -0.29 16.34 -6.21
C PRO C 167 -0.20 16.07 -4.72
N VAL C 168 1.04 16.08 -4.22
CA VAL C 168 1.34 15.80 -2.81
C VAL C 168 0.51 16.78 -1.96
N ALA C 169 0.37 17.97 -2.55
CA ALA C 169 -0.43 19.02 -1.93
C ALA C 169 -1.86 18.61 -1.77
N CYS C 170 -2.51 18.41 -2.93
CA CYS C 170 -3.97 18.08 -2.95
C CYS C 170 -4.22 16.88 -2.02
N LYS C 171 -3.38 15.87 -2.20
CA LYS C 171 -3.44 14.61 -1.51
C LYS C 171 -3.54 15.01 -0.07
N LYS C 172 -2.53 15.67 0.44
CA LYS C 172 -2.37 16.01 1.85
C LYS C 172 -3.70 16.58 2.29
N LEU C 173 -4.07 17.70 1.61
CA LEU C 173 -5.34 18.38 1.91
C LEU C 173 -6.51 17.40 2.02
N LEU C 174 -6.73 16.71 0.90
CA LEU C 174 -7.84 15.74 0.80
C LEU C 174 -7.68 14.71 1.93
N GLU C 175 -6.43 14.56 2.41
CA GLU C 175 -6.04 13.59 3.42
C GLU C 175 -6.07 14.07 4.89
N GLU C 176 -5.49 15.23 5.15
CA GLU C 176 -5.31 15.67 6.54
C GLU C 176 -6.24 16.79 6.99
N GLU C 177 -7.32 16.97 6.25
CA GLU C 177 -8.35 17.96 6.51
C GLU C 177 -9.47 17.38 5.67
N GLY C 178 -10.71 17.85 5.84
CA GLY C 178 -11.82 17.29 5.08
C GLY C 178 -11.70 17.45 3.57
N CYS C 179 -11.79 18.70 3.10
CA CYS C 179 -11.67 19.02 1.69
C CYS C 179 -12.33 17.97 0.81
N ASP C 180 -13.56 17.61 1.15
CA ASP C 180 -14.30 16.52 0.50
C ASP C 180 -14.34 16.59 -1.04
N ILE C 181 -13.19 16.95 -1.62
CA ILE C 181 -12.98 17.20 -3.02
C ILE C 181 -12.08 18.42 -3.00
N VAL C 182 -11.54 18.77 -4.16
CA VAL C 182 -10.76 19.98 -4.34
C VAL C 182 -10.50 20.21 -5.82
N MET C 183 -9.98 21.40 -6.13
CA MET C 183 -9.75 21.79 -7.50
C MET C 183 -8.29 21.85 -7.88
N ALA C 184 -8.06 21.64 -9.17
CA ALA C 184 -6.73 21.65 -9.76
C ALA C 184 -6.40 23.01 -10.39
N LEU C 185 -6.53 24.08 -9.60
CA LEU C 185 -6.23 25.42 -10.08
C LEU C 185 -4.75 25.60 -10.38
N GLY C 186 -4.44 25.72 -11.68
CA GLY C 186 -3.06 25.83 -12.15
C GLY C 186 -2.96 26.00 -13.65
N MET C 187 -1.82 26.53 -14.09
CA MET C 187 -1.60 26.88 -15.50
C MET C 187 -0.59 26.03 -16.25
N PRO C 188 -0.89 25.73 -17.54
CA PRO C 188 -0.09 24.93 -18.49
C PRO C 188 1.04 25.70 -19.15
N GLY C 189 1.29 25.43 -20.42
CA GLY C 189 2.40 26.01 -21.14
C GLY C 189 2.34 25.77 -22.65
N LYS C 190 3.26 26.37 -23.39
CA LYS C 190 3.11 26.55 -24.88
C LYS C 190 3.89 25.82 -25.99
N ALA C 191 5.16 25.55 -25.78
CA ALA C 191 6.01 24.94 -26.79
C ALA C 191 5.60 23.49 -26.96
N GLU C 192 5.65 22.95 -28.18
CA GLU C 192 5.28 21.56 -28.45
C GLU C 192 5.85 20.54 -27.45
N LYS C 193 6.80 21.00 -26.64
CA LYS C 193 7.44 20.16 -25.63
C LYS C 193 6.79 20.17 -24.25
N ASP C 194 6.43 21.36 -23.77
CA ASP C 194 5.84 21.52 -22.43
C ASP C 194 4.49 20.84 -22.28
N LYS C 195 4.00 20.22 -23.34
CA LYS C 195 2.74 19.47 -23.34
C LYS C 195 2.84 18.32 -22.34
N VAL C 196 4.07 17.83 -22.16
CA VAL C 196 4.39 16.77 -21.24
C VAL C 196 3.84 17.04 -19.85
N CYS C 197 3.84 18.30 -19.43
CA CYS C 197 3.43 18.74 -18.12
C CYS C 197 2.08 18.27 -17.66
N ALA C 198 1.09 18.50 -18.53
CA ALA C 198 -0.31 18.10 -18.24
C ALA C 198 -0.36 16.57 -18.03
N HIS C 199 0.26 15.90 -19.01
CA HIS C 199 0.28 14.44 -19.07
C HIS C 199 0.79 13.94 -17.70
N GLU C 200 1.97 14.40 -17.42
CA GLU C 200 2.73 14.05 -16.21
C GLU C 200 1.99 14.25 -14.92
N ALA C 201 1.64 15.52 -14.64
CA ALA C 201 0.97 15.91 -13.40
C ALA C 201 -0.31 15.08 -13.21
N SER C 202 -1.12 15.17 -14.25
CA SER C 202 -2.39 14.51 -14.29
C SER C 202 -2.34 13.04 -13.96
N LEU C 203 -1.48 12.27 -14.61
CA LEU C 203 -1.40 10.85 -14.33
C LEU C 203 -1.42 10.66 -12.82
N GLY C 204 -0.83 11.64 -12.14
CA GLY C 204 -0.74 11.66 -10.68
C GLY C 204 -2.00 12.18 -10.07
N LEU C 205 -2.63 13.18 -10.69
CA LEU C 205 -3.94 13.63 -10.20
C LEU C 205 -4.74 12.36 -10.04
N MET C 206 -4.88 11.62 -11.14
CA MET C 206 -5.68 10.38 -11.16
C MET C 206 -5.24 9.42 -10.09
N LEU C 207 -3.90 9.36 -9.85
CA LEU C 207 -3.38 8.48 -8.81
C LEU C 207 -3.90 8.96 -7.47
N ALA C 208 -3.58 10.23 -7.22
CA ALA C 208 -4.00 10.96 -5.99
C ALA C 208 -5.48 10.72 -5.68
N GLN C 209 -6.26 10.80 -6.77
CA GLN C 209 -7.70 10.59 -6.70
C GLN C 209 -7.92 9.13 -6.34
N LEU C 210 -7.36 8.28 -7.21
CA LEU C 210 -7.46 6.81 -7.02
C LEU C 210 -7.13 6.55 -5.53
N MET C 211 -5.98 7.10 -5.11
CA MET C 211 -5.42 6.80 -3.82
C MET C 211 -6.35 7.10 -2.67
N THR C 212 -7.37 7.91 -2.90
CA THR C 212 -8.34 8.24 -1.88
C THR C 212 -9.57 8.68 -2.65
N ASN C 213 -10.70 8.12 -2.29
CA ASN C 213 -11.93 8.31 -3.06
C ASN C 213 -12.55 9.71 -2.99
N LYS C 214 -11.88 10.67 -3.61
CA LYS C 214 -12.33 12.06 -3.69
C LYS C 214 -11.99 12.63 -5.05
N HIS C 215 -12.88 13.48 -5.50
CA HIS C 215 -12.73 14.09 -6.80
C HIS C 215 -11.72 15.23 -6.69
N ILE C 216 -10.63 15.11 -7.45
CA ILE C 216 -9.67 16.20 -7.59
C ILE C 216 -10.01 16.81 -8.95
N ILE C 217 -10.78 17.87 -8.90
CA ILE C 217 -11.22 18.50 -10.13
C ILE C 217 -10.09 19.19 -10.85
N GLU C 218 -9.77 18.68 -12.03
CA GLU C 218 -8.67 19.21 -12.84
C GLU C 218 -9.03 20.54 -13.48
N VAL C 219 -8.32 21.60 -13.14
CA VAL C 219 -8.62 22.93 -13.72
C VAL C 219 -7.42 23.49 -14.51
N PHE C 220 -7.19 22.86 -15.65
CA PHE C 220 -6.11 23.19 -16.58
C PHE C 220 -6.56 24.22 -17.58
N VAL C 221 -5.64 25.06 -18.05
CA VAL C 221 -5.99 26.11 -19.00
C VAL C 221 -4.86 26.41 -19.95
N HIS C 222 -4.63 25.49 -20.89
CA HIS C 222 -3.53 25.61 -21.85
C HIS C 222 -3.40 26.96 -22.50
N GLU C 223 -2.17 27.46 -22.52
CA GLU C 223 -1.84 28.76 -23.08
C GLU C 223 -1.87 28.79 -24.60
N ASP C 224 -2.00 27.62 -25.22
CA ASP C 224 -2.05 27.52 -26.67
C ASP C 224 -3.50 27.65 -27.15
N GLU C 225 -4.37 28.12 -26.26
CA GLU C 225 -5.79 28.33 -26.56
C GLU C 225 -6.15 29.81 -26.76
N ALA C 226 -5.17 30.60 -27.21
CA ALA C 226 -5.36 32.04 -27.42
C ALA C 226 -4.54 32.63 -28.57
N LYS C 227 -4.80 33.89 -28.88
CA LYS C 227 -4.08 34.62 -29.92
C LYS C 227 -3.49 35.93 -29.38
N ASP C 228 -3.79 36.23 -28.12
CA ASP C 228 -3.27 37.41 -27.43
C ASP C 228 -3.39 37.26 -25.91
N ASP C 229 -2.97 38.29 -25.19
CA ASP C 229 -3.01 38.32 -23.71
C ASP C 229 -4.43 38.27 -23.10
N LYS C 230 -5.18 39.33 -23.39
CA LYS C 230 -6.54 39.48 -22.91
C LYS C 230 -7.40 38.25 -23.22
N GLU C 231 -7.17 37.68 -24.39
CA GLU C 231 -7.93 36.55 -24.88
C GLU C 231 -7.88 35.37 -23.92
N LEU C 232 -6.64 35.09 -23.54
CA LEU C 232 -6.31 34.00 -22.60
C LEU C 232 -7.01 34.25 -21.28
N ASP C 233 -6.81 35.48 -20.81
CA ASP C 233 -7.34 35.97 -19.51
C ASP C 233 -8.78 35.51 -19.23
N TRP C 234 -9.68 35.87 -20.14
CA TRP C 234 -11.10 35.52 -20.05
C TRP C 234 -11.31 34.02 -20.01
N LEU C 235 -11.03 33.37 -21.14
CA LEU C 235 -11.10 31.92 -21.28
C LEU C 235 -10.76 31.31 -19.94
N ALA C 236 -9.74 31.93 -19.32
CA ALA C 236 -9.20 31.52 -18.03
C ALA C 236 -10.12 31.51 -16.83
N LYS C 237 -10.55 32.70 -16.42
CA LYS C 237 -11.22 32.93 -15.15
C LYS C 237 -12.58 32.38 -15.45
N ARG C 238 -13.00 32.52 -16.72
CA ARG C 238 -14.31 32.04 -17.17
C ARG C 238 -14.44 30.53 -16.90
N ARG C 239 -13.40 29.84 -17.32
CA ARG C 239 -13.29 28.38 -17.11
C ARG C 239 -13.24 28.12 -15.62
N ALA C 240 -12.70 29.10 -14.89
CA ALA C 240 -12.45 29.02 -13.45
C ALA C 240 -13.78 28.84 -12.77
N GLU C 241 -14.83 29.50 -13.27
CA GLU C 241 -16.14 29.43 -12.64
C GLU C 241 -16.91 28.17 -13.10
N GLU C 242 -16.71 27.83 -14.37
CA GLU C 242 -17.34 26.68 -15.05
C GLU C 242 -17.29 25.34 -14.32
N HIS C 243 -16.33 25.18 -13.43
CA HIS C 243 -16.18 23.92 -12.71
C HIS C 243 -16.47 24.17 -11.26
N ALA C 244 -16.17 25.40 -10.83
CA ALA C 244 -16.41 25.85 -9.46
C ALA C 244 -17.88 25.47 -9.33
N GLU C 245 -18.59 25.68 -10.44
CA GLU C 245 -20.01 25.42 -10.57
C GLU C 245 -20.23 23.92 -10.31
N ASN C 246 -19.50 23.12 -11.07
CA ASN C 246 -19.60 21.67 -10.99
C ASN C 246 -19.25 21.15 -9.64
N VAL C 247 -18.37 21.81 -8.90
CA VAL C 247 -18.05 21.47 -7.51
C VAL C 247 -19.34 21.48 -6.68
N TYR C 248 -20.08 22.58 -6.86
CA TYR C 248 -21.30 22.83 -6.07
C TYR C 248 -22.27 21.66 -6.25
N TYR C 249 -22.46 21.32 -7.54
CA TYR C 249 -23.35 20.21 -7.91
C TYR C 249 -22.81 18.92 -7.31
N LEU C 250 -21.63 18.52 -7.75
CA LEU C 250 -20.95 17.34 -7.27
C LEU C 250 -20.93 17.19 -5.75
N LEU C 251 -21.06 18.34 -5.06
CA LEU C 251 -21.09 18.38 -3.62
C LEU C 251 -22.50 18.01 -3.12
N PHE C 252 -23.50 18.77 -3.60
CA PHE C 252 -24.88 18.60 -3.15
C PHE C 252 -25.89 18.25 -4.25
N LYS C 253 -25.77 18.92 -5.40
CA LYS C 253 -26.69 18.77 -6.54
C LYS C 253 -26.32 17.65 -7.54
N PRO C 254 -26.70 16.39 -7.24
CA PRO C 254 -26.25 15.28 -8.10
C PRO C 254 -27.16 15.03 -9.31
N GLU C 255 -28.46 15.00 -9.02
CA GLU C 255 -29.52 14.86 -9.98
C GLU C 255 -29.26 15.77 -11.16
N TYR C 256 -28.82 17.01 -10.89
CA TYR C 256 -28.58 17.97 -11.96
C TYR C 256 -27.70 17.42 -13.10
N LEU C 257 -26.51 17.04 -12.70
CA LEU C 257 -25.52 16.49 -13.65
C LEU C 257 -26.10 15.21 -14.30
N THR C 258 -26.92 14.53 -13.48
CA THR C 258 -27.57 13.32 -13.91
C THR C 258 -28.20 13.83 -15.21
N ARG C 259 -29.22 14.63 -15.05
CA ARG C 259 -30.10 15.11 -16.09
C ARG C 259 -29.35 15.76 -17.21
N MET C 260 -28.39 16.65 -16.86
CA MET C 260 -27.60 17.29 -17.92
C MET C 260 -27.07 16.17 -18.79
N ALA C 261 -26.78 15.06 -18.12
CA ALA C 261 -26.32 13.83 -18.76
C ALA C 261 -25.69 14.03 -20.15
N GLY C 262 -25.93 13.07 -21.03
CA GLY C 262 -25.41 13.10 -22.37
C GLY C 262 -25.36 14.48 -22.96
N LYS C 263 -26.34 15.33 -22.68
CA LYS C 263 -26.40 16.64 -23.36
C LYS C 263 -25.45 17.81 -23.00
N GLY C 264 -24.62 18.17 -23.99
CA GLY C 264 -23.72 19.35 -23.99
C GLY C 264 -22.68 19.62 -22.90
N LEU C 265 -22.57 20.89 -22.52
CA LEU C 265 -21.70 21.39 -21.42
C LEU C 265 -20.18 21.08 -21.45
N ARG C 266 -19.48 21.42 -22.54
CA ARG C 266 -18.02 21.26 -22.50
C ARG C 266 -17.45 22.41 -21.69
N GLN C 267 -17.44 22.28 -20.37
CA GLN C 267 -16.86 23.31 -19.49
C GLN C 267 -15.63 24.01 -20.10
N GLY C 268 -15.84 25.16 -20.74
CA GLY C 268 -14.73 25.92 -21.35
C GLY C 268 -15.08 27.06 -22.29
N PHE C 269 -14.49 27.00 -23.48
CA PHE C 269 -14.67 28.01 -24.51
C PHE C 269 -16.06 27.93 -25.12
N PHE D 24 -12.90 22.10 22.84
CA PHE D 24 -13.75 20.87 22.92
C PHE D 24 -14.37 20.52 21.57
N SER D 25 -14.64 21.54 20.77
CA SER D 25 -15.26 21.35 19.45
C SER D 25 -14.27 20.84 18.40
N GLU D 26 -13.02 20.66 18.81
CA GLU D 26 -11.98 20.14 17.93
C GLU D 26 -11.75 18.67 18.27
N PHE D 27 -12.22 18.32 19.46
CA PHE D 27 -12.07 16.97 20.01
C PHE D 27 -12.83 15.92 19.23
N LYS D 28 -14.03 16.30 18.79
CA LYS D 28 -14.88 15.41 18.00
C LYS D 28 -14.22 14.97 16.70
N GLU D 29 -13.09 15.59 16.37
CA GLU D 29 -12.34 15.26 15.17
C GLU D 29 -11.48 14.01 15.32
N PHE D 30 -10.83 13.86 16.47
CA PHE D 30 -9.98 12.70 16.72
C PHE D 30 -10.75 11.37 16.71
N LEU D 31 -11.90 11.35 17.37
CA LEU D 31 -12.77 10.18 17.40
C LEU D 31 -13.13 9.71 15.99
N TYR D 32 -13.31 10.65 15.08
CA TYR D 32 -13.75 10.37 13.74
C TYR D 32 -12.63 9.96 12.78
N GLU D 33 -11.64 10.85 12.59
CA GLU D 33 -10.50 10.54 11.74
C GLU D 33 -9.90 9.20 12.13
N TYR D 34 -9.78 8.99 13.43
CA TYR D 34 -9.23 7.76 13.98
C TYR D 34 -10.30 6.70 14.17
N LYS D 35 -11.56 7.13 14.25
CA LYS D 35 -12.68 6.22 14.50
C LYS D 35 -12.35 5.24 15.63
N VAL D 36 -12.29 5.78 16.84
CA VAL D 36 -11.99 5.01 18.04
C VAL D 36 -13.12 4.05 18.40
N ILE D 37 -14.35 4.41 18.07
CA ILE D 37 -15.52 3.59 18.39
C ILE D 37 -15.59 2.29 17.62
N PRO D 38 -15.38 2.36 16.28
CA PRO D 38 -15.33 1.16 15.47
C PRO D 38 -14.42 0.04 16.01
N LEU D 39 -13.24 0.34 16.59
CA LEU D 39 -12.28 -0.68 17.02
C LEU D 39 -12.85 -1.40 18.27
N ALA D 40 -13.33 -0.56 19.21
CA ALA D 40 -13.77 -1.04 20.50
C ALA D 40 -14.85 -2.11 20.40
N ILE D 41 -15.80 -1.78 19.54
CA ILE D 41 -17.00 -2.54 19.27
C ILE D 41 -16.62 -3.86 18.68
N ALA D 42 -15.77 -3.74 17.60
CA ALA D 42 -15.30 -4.90 16.82
C ALA D 42 -14.60 -5.86 17.71
N PHE D 43 -13.91 -5.33 18.66
CA PHE D 43 -13.42 -6.34 19.50
C PHE D 43 -14.38 -6.84 20.53
N ILE D 44 -15.10 -5.94 21.08
CA ILE D 44 -15.99 -6.54 22.04
C ILE D 44 -16.68 -7.76 21.43
N MET D 45 -17.03 -7.70 20.15
CA MET D 45 -17.63 -8.92 19.60
C MET D 45 -16.55 -9.92 19.47
N GLY D 46 -15.29 -9.39 19.58
CA GLY D 46 -14.21 -10.42 19.50
C GLY D 46 -14.34 -11.29 20.72
N ILE D 47 -14.38 -10.56 21.85
CA ILE D 47 -14.40 -11.22 23.15
C ILE D 47 -15.71 -11.94 23.34
N ALA D 48 -16.81 -11.27 23.01
CA ALA D 48 -18.15 -11.83 23.07
C ALA D 48 -18.38 -12.87 21.98
N SER D 49 -17.84 -12.62 20.80
CA SER D 49 -18.01 -13.52 19.65
C SER D 49 -17.14 -14.79 19.71
N THR D 50 -16.10 -14.77 20.53
CA THR D 50 -15.20 -15.91 20.67
C THR D 50 -15.49 -16.69 21.94
N ALA D 51 -15.67 -15.97 23.04
CA ALA D 51 -16.05 -16.59 24.30
C ALA D 51 -17.30 -17.39 23.99
N LEU D 52 -18.02 -16.88 22.98
CA LEU D 52 -19.25 -17.47 22.46
C LEU D 52 -19.05 -18.82 21.76
N ILE D 53 -18.38 -18.79 20.62
CA ILE D 53 -18.13 -20.00 19.83
C ILE D 53 -17.48 -21.11 20.68
N LYS D 54 -16.85 -20.72 21.78
CA LYS D 54 -16.18 -21.64 22.70
C LYS D 54 -17.09 -22.63 23.44
N SER D 55 -18.03 -22.13 24.25
CA SER D 55 -18.91 -23.01 25.01
C SER D 55 -19.70 -23.94 24.10
N PHE D 56 -19.75 -23.64 22.81
CA PHE D 56 -20.41 -24.50 21.85
C PHE D 56 -19.64 -25.82 21.75
N VAL D 57 -18.32 -25.70 21.81
CA VAL D 57 -17.43 -26.85 21.77
C VAL D 57 -17.24 -27.37 23.19
N ASP D 58 -17.14 -26.42 24.12
CA ASP D 58 -16.93 -26.72 25.53
C ASP D 58 -18.15 -27.39 26.15
N ASN D 59 -19.33 -26.91 25.76
CA ASN D 59 -20.58 -27.41 26.30
C ASN D 59 -21.47 -28.09 25.27
N ILE D 60 -20.88 -28.61 24.21
CA ILE D 60 -21.56 -29.36 23.16
C ILE D 60 -20.26 -29.64 22.47
N ILE D 61 -20.29 -30.30 21.33
CA ILE D 61 -19.12 -30.78 20.56
C ILE D 61 -18.16 -31.71 21.28
N MET D 62 -17.78 -31.42 22.53
CA MET D 62 -16.80 -32.28 23.20
C MET D 62 -17.31 -33.39 24.15
N PRO D 63 -17.97 -33.05 25.27
CA PRO D 63 -18.27 -34.16 26.18
C PRO D 63 -18.98 -35.33 25.49
N ILE D 64 -19.94 -35.03 24.62
CA ILE D 64 -20.70 -36.05 23.89
C ILE D 64 -20.01 -36.80 22.74
N ILE D 65 -19.13 -36.13 21.99
CA ILE D 65 -18.51 -36.66 20.77
C ILE D 65 -17.09 -37.16 21.05
N THR D 66 -16.80 -37.42 22.32
CA THR D 66 -15.45 -37.84 22.73
C THR D 66 -15.37 -38.94 23.80
N PRO D 67 -16.44 -39.15 24.57
CA PRO D 67 -16.44 -40.11 25.69
C PRO D 67 -16.22 -41.56 25.27
N PHE D 68 -15.51 -42.29 26.13
CA PHE D 68 -15.21 -43.73 25.97
C PHE D 68 -14.06 -44.07 25.01
N VAL D 69 -14.19 -43.68 23.73
CA VAL D 69 -13.18 -44.00 22.73
C VAL D 69 -12.82 -45.49 22.78
N GLU D 75 -4.77 -46.34 23.05
CA GLU D 75 -3.47 -47.00 22.99
C GLU D 75 -3.23 -48.06 24.05
N THR D 76 -2.38 -49.01 23.67
CA THR D 76 -1.80 -49.96 24.56
C THR D 76 -0.38 -49.63 24.26
N ALA D 77 0.33 -49.08 25.23
CA ALA D 77 1.70 -48.70 24.99
C ALA D 77 2.58 -48.92 26.19
N THR D 78 3.61 -49.72 25.94
CA THR D 78 4.73 -49.92 26.83
C THR D 78 5.77 -49.72 25.78
N VAL D 79 7.04 -49.83 26.11
CA VAL D 79 8.07 -49.62 25.09
C VAL D 79 9.51 -49.90 25.45
N GLU D 80 10.38 -49.21 24.72
CA GLU D 80 11.81 -49.46 24.69
C GLU D 80 12.67 -48.29 25.20
N LEU D 81 12.10 -47.10 25.29
CA LEU D 81 12.82 -45.97 25.86
C LEU D 81 12.38 -45.77 27.29
N GLY D 82 12.90 -44.70 27.92
CA GLY D 82 12.54 -44.28 29.28
C GLY D 82 13.83 -43.81 29.91
N PRO D 83 13.77 -43.37 31.17
CA PRO D 83 12.49 -43.05 31.71
C PRO D 83 12.55 -41.58 31.40
N ILE D 84 13.73 -41.13 31.06
CA ILE D 84 13.89 -39.82 30.57
C ILE D 84 12.98 -39.78 29.34
N VAL D 85 12.70 -40.94 28.76
CA VAL D 85 11.68 -41.01 27.72
C VAL D 85 10.37 -40.96 28.44
N ILE D 86 10.32 -41.38 29.70
CA ILE D 86 9.04 -41.23 30.41
C ILE D 86 8.70 -39.77 30.20
N SER D 87 9.75 -38.94 30.08
CA SER D 87 9.58 -37.53 29.69
C SER D 87 8.93 -37.46 28.33
N TRP D 88 9.45 -38.27 27.41
CA TRP D 88 8.86 -38.36 26.04
C TRP D 88 7.44 -38.86 26.15
N GLY D 89 7.24 -39.87 26.98
CA GLY D 89 5.92 -40.49 27.18
C GLY D 89 4.95 -39.43 27.70
N ALA D 90 5.43 -38.64 28.67
CA ALA D 90 4.63 -37.56 29.26
C ALA D 90 4.23 -36.57 28.16
N PHE D 91 5.21 -36.36 27.30
CA PHE D 91 5.11 -35.42 26.16
C PHE D 91 3.99 -35.88 25.25
N LEU D 92 4.03 -37.15 24.91
CA LEU D 92 3.07 -37.83 24.04
C LEU D 92 1.68 -37.68 24.63
N GLY D 93 1.58 -37.92 25.94
CA GLY D 93 0.32 -37.83 26.66
C GLY D 93 -0.28 -36.42 26.51
N GLU D 94 0.60 -35.45 26.72
CA GLU D 94 0.24 -34.03 26.64
C GLU D 94 -0.29 -33.70 25.26
N LEU D 95 0.43 -34.20 24.25
CA LEU D 95 0.07 -33.99 22.85
C LEU D 95 -1.32 -34.53 22.58
N VAL D 96 -1.55 -35.74 23.08
CA VAL D 96 -2.82 -36.43 22.91
C VAL D 96 -3.95 -35.60 23.52
N ASN D 97 -3.69 -35.11 24.71
CA ASN D 97 -4.64 -34.27 25.46
C ASN D 97 -5.01 -33.04 24.64
N PHE D 98 -3.97 -32.42 24.10
CA PHE D 98 -4.13 -31.21 23.27
C PHE D 98 -5.01 -31.50 22.06
N ILE D 99 -4.71 -32.61 21.44
CA ILE D 99 -5.41 -33.16 20.26
C ILE D 99 -6.87 -33.31 20.57
N ILE D 100 -7.17 -33.90 21.73
CA ILE D 100 -8.55 -34.03 22.23
C ILE D 100 -9.20 -32.62 22.32
N ILE D 101 -8.42 -31.70 22.90
CA ILE D 101 -8.81 -30.31 23.05
C ILE D 101 -8.84 -29.70 21.63
N ALA D 102 -7.71 -29.87 20.94
CA ALA D 102 -7.41 -29.26 19.67
C ALA D 102 -8.14 -29.79 18.45
N PHE D 103 -8.23 -31.09 18.27
CA PHE D 103 -8.99 -31.63 17.15
C PHE D 103 -10.45 -31.26 17.23
N ALA D 104 -11.02 -31.20 18.42
CA ALA D 104 -12.38 -30.69 18.63
C ALA D 104 -12.48 -29.25 18.10
N VAL D 105 -11.50 -28.46 18.46
CA VAL D 105 -11.42 -27.06 18.03
C VAL D 105 -11.39 -26.95 16.51
N PHE D 106 -10.59 -27.80 15.91
CA PHE D 106 -10.42 -27.92 14.47
C PHE D 106 -11.78 -28.20 13.81
N ILE D 107 -12.48 -29.17 14.39
CA ILE D 107 -13.80 -29.60 13.95
C ILE D 107 -14.77 -28.41 13.97
N ILE D 108 -14.73 -27.68 15.07
CA ILE D 108 -15.56 -26.48 15.23
C ILE D 108 -15.27 -25.46 14.13
N ALA D 109 -13.99 -25.28 13.87
CA ALA D 109 -13.47 -24.42 12.80
C ALA D 109 -14.10 -24.80 11.44
N LYS D 110 -14.04 -26.10 11.19
CA LYS D 110 -14.59 -26.71 9.98
C LYS D 110 -16.08 -26.38 9.83
N LYS D 111 -16.77 -26.56 10.95
CA LYS D 111 -18.22 -26.33 11.07
C LYS D 111 -18.52 -24.87 10.70
N VAL D 112 -17.70 -23.94 11.23
CA VAL D 112 -17.89 -22.54 10.93
C VAL D 112 -17.72 -22.28 9.43
N LEU D 113 -16.74 -22.97 8.80
CA LEU D 113 -16.38 -22.73 7.44
C LEU D 113 -17.60 -22.92 6.51
N GLN D 114 -18.30 -24.02 6.75
CA GLN D 114 -19.44 -24.38 5.91
C GLN D 114 -20.47 -23.29 5.75
N GLU D 115 -20.73 -22.50 6.79
CA GLU D 115 -21.70 -21.40 6.72
C GLU D 115 -21.19 -20.30 5.82
N GLU D 116 -19.93 -19.94 6.01
CA GLU D 116 -19.26 -18.87 5.28
C GLU D 116 -19.26 -19.11 3.77
N LYS D 117 -19.19 -20.37 3.38
CA LYS D 117 -19.23 -20.77 1.97
C LYS D 117 -20.70 -20.86 1.54
N VAL D 118 -21.61 -20.33 2.33
CA VAL D 118 -23.01 -20.50 1.93
C VAL D 118 -23.65 -19.39 1.09
N GLU D 119 -23.95 -18.23 1.69
CA GLU D 119 -24.41 -16.92 1.13
C GLU D 119 -25.35 -16.56 -0.13
N LYS D 120 -24.83 -16.11 -1.29
CA LYS D 120 -25.58 -15.70 -2.49
C LYS D 120 -24.44 -15.56 -3.48
N LYS D 121 -24.72 -15.73 -4.78
CA LYS D 121 -23.62 -15.76 -5.76
C LYS D 121 -23.55 -14.71 -6.88
N MET D 122 -24.21 -15.01 -8.01
CA MET D 122 -24.15 -14.16 -9.20
C MET D 122 -25.53 -13.74 -9.71
N THR D 123 -26.15 -12.84 -8.97
CA THR D 123 -27.42 -12.21 -9.28
C THR D 123 -27.24 -10.87 -8.59
N LYS D 124 -26.30 -10.08 -9.11
CA LYS D 124 -25.84 -8.83 -8.48
C LYS D 124 -26.12 -7.51 -9.20
N LYS D 125 -25.83 -6.41 -8.50
CA LYS D 125 -26.07 -5.05 -8.97
C LYS D 125 -24.92 -4.51 -9.83
N VAL D 126 -25.24 -4.11 -11.05
CA VAL D 126 -24.30 -3.52 -12.01
C VAL D 126 -24.57 -2.06 -12.07
N GLY D 127 -23.58 -1.21 -11.78
CA GLY D 127 -23.75 0.24 -11.88
C GLY D 127 -23.07 0.81 -13.12
N ILE D 128 -23.62 1.89 -13.67
CA ILE D 128 -23.05 2.54 -14.86
C ILE D 128 -22.71 4.02 -14.64
N VAL D 129 -21.50 4.39 -15.08
CA VAL D 129 -20.96 5.73 -14.80
C VAL D 129 -20.84 6.65 -16.01
N ASP D 130 -21.30 7.89 -15.83
CA ASP D 130 -21.47 8.80 -16.96
C ASP D 130 -20.95 10.25 -16.93
N THR D 131 -20.87 10.77 -18.14
CA THR D 131 -20.25 12.06 -18.46
C THR D 131 -21.25 13.19 -18.79
N THR D 132 -20.97 14.39 -18.28
CA THR D 132 -21.76 15.60 -18.57
C THR D 132 -21.04 16.30 -19.72
N PHE D 133 -19.77 15.99 -19.84
CA PHE D 133 -18.87 16.55 -20.84
C PHE D 133 -19.22 16.02 -22.22
N ALA D 134 -19.45 14.71 -22.30
CA ALA D 134 -19.79 14.02 -23.55
C ALA D 134 -21.12 14.45 -24.14
N ARG D 135 -21.29 14.19 -25.43
CA ARG D 135 -22.48 14.58 -26.20
C ARG D 135 -23.76 13.67 -26.31
N VAL D 136 -23.59 12.35 -26.39
CA VAL D 136 -24.69 11.43 -26.72
C VAL D 136 -25.08 10.51 -25.56
N ASP D 137 -25.98 10.92 -24.66
CA ASP D 137 -26.32 10.05 -23.50
C ASP D 137 -26.49 8.57 -23.85
N MET D 138 -25.61 7.74 -23.31
CA MET D 138 -25.65 6.31 -23.57
C MET D 138 -26.01 5.51 -22.34
N ALA D 139 -26.39 6.20 -21.27
CA ALA D 139 -26.82 5.52 -20.06
C ALA D 139 -27.95 4.52 -20.32
N SER D 140 -28.92 4.91 -21.15
CA SER D 140 -30.06 4.04 -21.47
C SER D 140 -29.75 2.90 -22.44
N ILE D 141 -29.38 3.23 -23.67
CA ILE D 141 -29.09 2.26 -24.75
C ILE D 141 -28.50 0.94 -24.22
N ALA D 142 -27.71 1.04 -23.16
CA ALA D 142 -27.15 -0.12 -22.52
C ALA D 142 -28.05 -0.60 -21.38
N ILE D 143 -28.39 0.30 -20.44
CA ILE D 143 -29.23 -0.06 -19.31
C ILE D 143 -30.38 -0.94 -19.76
N LYS D 144 -30.79 -0.77 -21.02
CA LYS D 144 -31.88 -1.51 -21.62
C LYS D 144 -31.49 -2.93 -22.04
N LYS D 145 -30.60 -3.02 -23.02
CA LYS D 145 -30.14 -4.31 -23.48
C LYS D 145 -29.76 -5.21 -22.31
N LEU D 146 -29.48 -4.60 -21.16
CA LEU D 146 -29.10 -5.38 -19.98
C LEU D 146 -30.24 -5.81 -19.06
N LYS D 147 -31.12 -4.88 -18.69
CA LYS D 147 -32.26 -5.21 -17.82
C LYS D 147 -33.08 -6.23 -18.57
N GLU D 148 -33.09 -6.10 -19.90
CA GLU D 148 -33.79 -7.04 -20.78
C GLU D 148 -33.31 -8.45 -20.55
N LEU D 149 -32.05 -8.69 -20.90
CA LEU D 149 -31.48 -10.02 -20.78
C LEU D 149 -31.66 -10.58 -19.40
N SER D 150 -31.64 -9.72 -18.39
CA SER D 150 -31.85 -10.19 -17.03
C SER D 150 -32.48 -9.10 -16.21
N PRO D 151 -33.73 -9.32 -15.77
CA PRO D 151 -34.48 -8.37 -14.96
C PRO D 151 -33.85 -8.06 -13.60
N ASN D 152 -33.30 -9.09 -12.94
CA ASN D 152 -32.71 -8.94 -11.61
C ASN D 152 -31.34 -8.27 -11.58
N ILE D 153 -31.17 -7.19 -12.33
CA ILE D 153 -29.90 -6.47 -12.33
C ILE D 153 -30.12 -5.05 -11.76
N LYS D 154 -30.31 -4.96 -10.43
CA LYS D 154 -30.44 -3.67 -9.75
C LYS D 154 -29.31 -2.79 -10.30
N ILE D 155 -29.66 -1.77 -11.09
CA ILE D 155 -28.66 -0.89 -11.70
C ILE D 155 -28.48 0.33 -10.81
N ILE D 156 -27.29 0.93 -10.86
CA ILE D 156 -26.99 2.19 -10.18
C ILE D 156 -26.14 3.10 -11.06
N ARG D 157 -26.56 4.37 -11.17
CA ARG D 157 -25.88 5.41 -11.94
C ARG D 157 -25.19 6.44 -11.06
N LYS D 158 -24.16 7.07 -11.62
CA LYS D 158 -23.45 8.17 -10.99
C LYS D 158 -22.76 8.90 -12.12
N THR D 159 -22.80 10.23 -12.07
CA THR D 159 -22.22 11.07 -13.14
C THR D 159 -21.15 12.04 -12.70
N VAL D 160 -20.19 12.26 -13.60
CA VAL D 160 -19.15 13.25 -13.40
C VAL D 160 -19.03 14.06 -14.67
N PRO D 161 -18.54 15.30 -14.54
CA PRO D 161 -18.28 16.25 -15.61
C PRO D 161 -17.22 15.82 -16.60
N GLY D 162 -16.00 15.51 -16.12
CA GLY D 162 -14.87 15.19 -16.99
C GLY D 162 -14.54 13.75 -17.30
N ILE D 163 -14.32 13.48 -18.59
CA ILE D 163 -13.81 12.21 -19.13
C ILE D 163 -12.73 11.68 -18.21
N LYS D 164 -12.01 12.63 -17.63
CA LYS D 164 -10.89 12.34 -16.76
C LYS D 164 -11.29 12.40 -15.30
N ASP D 165 -12.57 12.21 -15.00
CA ASP D 165 -12.98 12.19 -13.59
C ASP D 165 -13.93 11.07 -13.21
N LEU D 166 -14.16 10.18 -14.16
CA LEU D 166 -14.93 8.96 -13.93
C LEU D 166 -14.19 8.05 -12.96
N PRO D 167 -12.85 7.81 -13.19
CA PRO D 167 -12.08 6.88 -12.35
C PRO D 167 -12.38 6.87 -10.85
N VAL D 168 -11.89 7.89 -10.12
CA VAL D 168 -12.22 7.91 -8.69
C VAL D 168 -13.62 7.34 -8.60
N ALA D 169 -14.54 8.00 -9.30
CA ALA D 169 -15.96 7.62 -9.33
C ALA D 169 -16.25 6.13 -9.41
N CYS D 170 -15.86 5.51 -10.54
CA CYS D 170 -16.19 4.11 -10.79
C CYS D 170 -15.75 3.19 -9.65
N LYS D 171 -14.60 3.50 -9.10
CA LYS D 171 -13.95 2.78 -8.01
C LYS D 171 -14.85 2.93 -6.81
N LYS D 172 -15.09 4.20 -6.45
CA LYS D 172 -15.87 4.52 -5.24
C LYS D 172 -17.02 3.49 -5.18
N LEU D 173 -17.70 3.35 -6.31
CA LEU D 173 -18.79 2.38 -6.45
C LEU D 173 -18.30 0.98 -6.25
N LEU D 174 -17.31 0.58 -7.05
CA LEU D 174 -16.73 -0.76 -6.94
C LEU D 174 -16.31 -0.96 -5.47
N GLU D 175 -16.00 0.15 -4.80
CA GLU D 175 -15.52 0.09 -3.42
C GLU D 175 -16.61 0.17 -2.36
N GLU D 176 -17.71 0.83 -2.67
CA GLU D 176 -18.72 1.07 -1.65
C GLU D 176 -20.16 0.68 -2.01
N GLU D 177 -20.36 -0.40 -2.77
CA GLU D 177 -21.72 -0.77 -3.17
C GLU D 177 -21.83 -1.92 -4.17
N GLY D 178 -21.06 -2.99 -3.98
CA GLY D 178 -21.09 -4.09 -4.92
C GLY D 178 -20.63 -3.69 -6.31
N CYS D 179 -21.48 -2.93 -7.03
CA CYS D 179 -21.14 -2.46 -8.38
C CYS D 179 -20.27 -3.46 -9.10
N ASP D 180 -20.59 -4.73 -8.90
CA ASP D 180 -19.71 -5.80 -9.33
C ASP D 180 -19.43 -5.86 -10.83
N ILE D 181 -18.70 -4.83 -11.25
CA ILE D 181 -18.23 -4.53 -12.59
C ILE D 181 -18.90 -3.21 -12.85
N VAL D 182 -18.39 -2.50 -13.83
CA VAL D 182 -19.03 -1.27 -14.27
C VAL D 182 -18.61 -0.96 -15.70
N MET D 183 -19.33 0.03 -16.23
CA MET D 183 -19.17 0.58 -17.55
C MET D 183 -18.63 2.01 -17.47
N ALA D 184 -17.79 2.33 -18.44
CA ALA D 184 -17.21 3.66 -18.57
C ALA D 184 -18.07 4.37 -19.59
N LEU D 185 -19.04 5.14 -19.13
CA LEU D 185 -19.92 5.75 -20.09
C LEU D 185 -19.57 7.16 -20.47
N GLY D 186 -19.11 7.32 -21.71
CA GLY D 186 -18.80 8.62 -22.21
C GLY D 186 -18.13 8.69 -23.55
N MET D 187 -17.79 9.93 -23.89
CA MET D 187 -17.20 10.32 -25.16
C MET D 187 -15.97 11.23 -24.96
N PRO D 188 -14.96 11.06 -25.85
CA PRO D 188 -13.71 11.80 -25.98
C PRO D 188 -13.90 12.95 -26.95
N GLY D 189 -12.83 13.67 -27.30
CA GLY D 189 -12.95 14.85 -28.15
C GLY D 189 -12.37 14.76 -29.55
N LYS D 190 -12.17 15.94 -30.15
CA LYS D 190 -11.61 16.08 -31.50
C LYS D 190 -10.22 16.73 -31.47
N ALA D 191 -9.58 16.79 -32.64
CA ALA D 191 -8.26 17.38 -32.81
C ALA D 191 -7.14 16.43 -32.39
N GLU D 192 -6.03 16.46 -33.12
CA GLU D 192 -4.87 15.61 -32.86
C GLU D 192 -4.53 15.47 -31.38
N LYS D 193 -4.45 16.61 -30.68
CA LYS D 193 -4.01 16.67 -29.28
C LYS D 193 -4.83 15.92 -28.23
N ASP D 194 -6.15 16.07 -28.25
CA ASP D 194 -7.00 15.45 -27.24
C ASP D 194 -6.95 13.92 -27.23
N LYS D 195 -6.04 13.35 -28.01
CA LYS D 195 -5.81 11.91 -28.02
C LYS D 195 -5.21 11.48 -26.68
N VAL D 196 -4.58 12.44 -26.00
CA VAL D 196 -3.84 12.21 -24.75
C VAL D 196 -4.80 11.81 -23.62
N CYS D 197 -5.93 12.50 -23.58
CA CYS D 197 -6.92 12.36 -22.54
C CYS D 197 -7.42 10.93 -22.42
N ALA D 198 -7.65 10.30 -23.56
CA ALA D 198 -8.08 8.91 -23.65
C ALA D 198 -7.04 8.02 -22.97
N HIS D 199 -5.83 8.05 -23.54
CA HIS D 199 -4.71 7.31 -23.02
C HIS D 199 -4.72 7.47 -21.44
N GLU D 200 -4.74 8.75 -21.09
CA GLU D 200 -4.53 9.20 -19.74
C GLU D 200 -5.58 8.65 -18.82
N ALA D 201 -6.84 8.87 -19.20
CA ALA D 201 -7.99 8.39 -18.42
C ALA D 201 -7.91 6.87 -18.27
N SER D 202 -7.61 6.20 -19.37
CA SER D 202 -7.59 4.76 -19.49
C SER D 202 -6.61 4.17 -18.56
N LEU D 203 -5.41 4.80 -18.44
CA LEU D 203 -4.36 4.30 -17.55
C LEU D 203 -4.92 4.21 -16.10
N GLY D 204 -5.57 5.27 -15.71
CA GLY D 204 -6.17 5.42 -14.40
C GLY D 204 -7.33 4.49 -14.30
N LEU D 205 -7.97 4.06 -15.41
CA LEU D 205 -9.10 3.20 -15.44
C LEU D 205 -8.55 1.88 -15.08
N MET D 206 -7.79 1.25 -16.00
CA MET D 206 -7.11 -0.02 -15.75
C MET D 206 -6.71 -0.12 -14.27
N LEU D 207 -6.20 1.00 -13.77
CA LEU D 207 -5.71 1.12 -12.41
C LEU D 207 -6.78 0.88 -11.39
N ALA D 208 -7.84 1.69 -11.43
CA ALA D 208 -9.05 1.51 -10.64
C ALA D 208 -9.38 0.01 -10.56
N GLN D 209 -9.30 -0.66 -11.69
CA GLN D 209 -9.58 -2.05 -11.89
C GLN D 209 -8.65 -2.85 -10.98
N LEU D 210 -7.38 -2.72 -11.23
CA LEU D 210 -6.31 -3.36 -10.55
C LEU D 210 -6.30 -2.97 -9.10
N MET D 211 -6.63 -1.74 -8.73
CA MET D 211 -6.69 -1.37 -7.33
C MET D 211 -7.72 -2.24 -6.59
N THR D 212 -8.54 -2.92 -7.38
CA THR D 212 -9.61 -3.81 -6.92
C THR D 212 -10.19 -4.69 -8.05
N ASN D 213 -9.93 -6.00 -8.00
CA ASN D 213 -10.33 -6.89 -9.11
C ASN D 213 -11.79 -6.72 -9.45
N LYS D 214 -12.04 -6.39 -10.71
CA LYS D 214 -13.36 -6.10 -11.24
C LYS D 214 -13.10 -5.25 -12.47
N HIS D 215 -13.42 -5.81 -13.63
CA HIS D 215 -13.24 -5.12 -14.89
C HIS D 215 -14.19 -3.94 -15.00
N ILE D 216 -13.64 -2.73 -15.04
CA ILE D 216 -14.49 -1.60 -15.32
C ILE D 216 -14.52 -1.47 -16.83
N ILE D 217 -15.69 -1.74 -17.41
CA ILE D 217 -15.86 -1.73 -18.86
C ILE D 217 -15.74 -0.36 -19.48
N GLU D 218 -14.63 -0.14 -20.17
CA GLU D 218 -14.35 1.12 -20.85
C GLU D 218 -15.33 1.27 -21.99
N VAL D 219 -16.23 2.27 -21.89
CA VAL D 219 -17.20 2.48 -22.96
C VAL D 219 -16.88 3.78 -23.67
N PHE D 220 -15.75 3.75 -24.35
CA PHE D 220 -15.24 4.92 -25.03
C PHE D 220 -15.70 5.00 -26.46
N VAL D 221 -15.81 6.23 -26.95
CA VAL D 221 -16.35 6.50 -28.26
C VAL D 221 -15.81 7.78 -28.84
N HIS D 222 -14.64 7.71 -29.45
CA HIS D 222 -14.00 8.89 -30.02
C HIS D 222 -14.88 9.51 -31.11
N GLU D 223 -14.97 10.84 -31.11
CA GLU D 223 -15.85 11.58 -32.04
C GLU D 223 -15.41 11.60 -33.50
N ASP D 224 -14.10 11.57 -33.73
CA ASP D 224 -13.52 11.56 -35.06
C ASP D 224 -13.85 10.27 -35.83
N GLU D 225 -14.80 9.51 -35.29
CA GLU D 225 -15.24 8.23 -35.86
C GLU D 225 -16.51 8.38 -36.72
N ALA D 226 -16.80 9.60 -37.18
CA ALA D 226 -17.97 9.90 -38.00
C ALA D 226 -17.70 10.88 -39.14
N LYS D 227 -18.76 11.48 -39.69
CA LYS D 227 -18.65 12.47 -40.75
C LYS D 227 -19.72 13.55 -40.62
N ASP D 228 -20.59 13.41 -39.62
CA ASP D 228 -21.67 14.35 -39.34
C ASP D 228 -22.21 14.05 -37.94
N ASP D 229 -23.36 14.61 -37.57
CA ASP D 229 -23.88 14.40 -36.22
C ASP D 229 -24.64 13.08 -36.14
N LYS D 230 -25.46 12.84 -37.17
CA LYS D 230 -26.32 11.67 -37.21
C LYS D 230 -25.47 10.40 -37.22
N GLU D 231 -24.39 10.43 -38.01
CA GLU D 231 -23.55 9.27 -38.20
C GLU D 231 -22.99 8.78 -36.87
N LEU D 232 -22.52 9.72 -36.06
CA LEU D 232 -21.93 9.47 -34.76
C LEU D 232 -22.97 8.97 -33.76
N ASP D 233 -24.18 9.50 -33.85
CA ASP D 233 -25.26 9.23 -32.94
C ASP D 233 -25.54 7.72 -32.87
N TRP D 234 -25.67 7.17 -34.06
CA TRP D 234 -25.95 5.73 -34.23
C TRP D 234 -24.80 4.90 -33.56
N LEU D 235 -23.62 5.33 -33.91
CA LEU D 235 -22.36 4.67 -33.62
C LEU D 235 -22.18 4.48 -32.15
N ALA D 236 -22.46 5.53 -31.38
CA ALA D 236 -22.39 5.49 -29.92
C ALA D 236 -23.34 4.49 -29.22
N LYS D 237 -24.63 4.76 -29.38
CA LYS D 237 -25.69 4.02 -28.73
C LYS D 237 -25.64 2.59 -29.12
N ARG D 238 -25.40 2.29 -30.39
CA ARG D 238 -25.26 0.91 -30.90
C ARG D 238 -24.17 0.18 -30.11
N ARG D 239 -23.06 0.86 -30.01
CA ARG D 239 -21.87 0.41 -29.25
C ARG D 239 -22.28 0.24 -27.79
N ALA D 240 -22.93 1.32 -27.28
CA ALA D 240 -23.32 1.40 -25.88
C ALA D 240 -24.08 0.16 -25.42
N GLU D 241 -24.70 -0.54 -26.37
CA GLU D 241 -25.39 -1.78 -26.07
C GLU D 241 -24.49 -3.04 -26.18
N GLU D 242 -23.87 -3.25 -27.34
CA GLU D 242 -23.02 -4.42 -27.56
C GLU D 242 -22.22 -4.77 -26.31
N HIS D 243 -21.86 -3.75 -25.53
CA HIS D 243 -21.08 -3.92 -24.30
C HIS D 243 -21.95 -4.27 -23.11
N ALA D 244 -23.02 -3.51 -22.90
CA ALA D 244 -23.97 -3.83 -21.83
C ALA D 244 -24.29 -5.27 -22.06
N GLU D 245 -23.99 -5.70 -23.28
CA GLU D 245 -24.16 -7.07 -23.72
C GLU D 245 -23.14 -7.99 -23.10
N ASN D 246 -21.87 -7.73 -23.38
CA ASN D 246 -20.81 -8.56 -22.87
C ASN D 246 -20.80 -8.53 -21.35
N VAL D 247 -21.43 -7.51 -20.79
CA VAL D 247 -21.59 -7.36 -19.33
C VAL D 247 -22.32 -8.57 -18.79
N TYR D 248 -23.35 -8.97 -19.51
CA TYR D 248 -24.15 -10.12 -19.16
C TYR D 248 -23.31 -11.39 -19.10
N TYR D 249 -22.59 -11.64 -20.18
CA TYR D 249 -21.72 -12.81 -20.32
C TYR D 249 -20.70 -12.86 -19.21
N LEU D 250 -19.91 -11.81 -19.10
CA LEU D 250 -18.93 -11.72 -18.02
C LEU D 250 -19.60 -11.65 -16.62
N LEU D 251 -20.93 -11.72 -16.60
CA LEU D 251 -21.67 -11.72 -15.35
C LEU D 251 -22.16 -13.12 -15.04
N PHE D 252 -22.96 -13.69 -15.94
CA PHE D 252 -23.56 -15.01 -15.72
C PHE D 252 -23.24 -16.10 -16.74
N LYS D 253 -22.90 -15.73 -17.98
CA LYS D 253 -22.65 -16.71 -19.05
C LYS D 253 -21.25 -16.63 -19.69
N PRO D 254 -20.23 -17.15 -18.99
CA PRO D 254 -18.81 -17.07 -19.34
C PRO D 254 -18.49 -17.83 -20.63
N GLU D 255 -18.80 -19.12 -20.61
CA GLU D 255 -18.59 -20.00 -21.73
C GLU D 255 -18.79 -19.35 -23.08
N TYR D 256 -19.84 -18.53 -23.19
CA TYR D 256 -20.18 -17.89 -24.46
C TYR D 256 -18.97 -17.27 -25.15
N LEU D 257 -18.39 -16.29 -24.47
CA LEU D 257 -17.24 -15.58 -24.99
C LEU D 257 -16.14 -16.60 -25.11
N THR D 258 -16.08 -17.49 -24.12
CA THR D 258 -15.12 -18.58 -24.12
C THR D 258 -15.17 -19.13 -25.53
N ARG D 259 -16.40 -19.30 -26.00
CA ARG D 259 -16.63 -19.82 -27.33
C ARG D 259 -16.34 -18.78 -28.39
N MET D 260 -16.64 -17.53 -28.09
CA MET D 260 -16.42 -16.48 -29.06
C MET D 260 -14.93 -16.28 -29.24
N ALA D 261 -14.15 -17.12 -28.56
CA ALA D 261 -12.71 -17.14 -28.72
C ALA D 261 -12.38 -17.19 -30.21
C GLY D 262 -11.77 -16.00 -32.98
N LYS D 263 -11.47 -14.80 -33.48
CA LYS D 263 -12.29 -14.14 -34.50
C LYS D 263 -13.76 -14.21 -34.13
N PHE E 24 -35.27 -6.10 12.68
CA PHE E 24 -34.47 -7.35 12.81
C PHE E 24 -33.85 -7.78 11.48
N SER E 25 -34.63 -7.70 10.40
CA SER E 25 -34.15 -8.05 9.07
C SER E 25 -33.11 -7.04 8.58
N GLU E 26 -32.60 -6.23 9.51
CA GLU E 26 -31.60 -5.21 9.21
C GLU E 26 -30.29 -5.57 9.88
N PHE E 27 -30.39 -6.29 11.00
CA PHE E 27 -29.25 -6.72 11.78
C PHE E 27 -28.33 -7.69 11.04
N LYS E 28 -28.94 -8.55 10.23
CA LYS E 28 -28.21 -9.54 9.43
C LYS E 28 -27.22 -8.87 8.48
N GLU E 29 -27.32 -7.55 8.36
CA GLU E 29 -26.44 -6.78 7.48
C GLU E 29 -25.11 -6.43 8.13
N PHE E 30 -25.16 -6.00 9.39
CA PHE E 30 -23.97 -5.65 10.15
C PHE E 30 -23.05 -6.85 10.31
N LEU E 31 -23.64 -7.98 10.67
CA LEU E 31 -22.89 -9.22 10.86
C LEU E 31 -22.10 -9.61 9.62
N TYR E 32 -22.63 -9.23 8.47
CA TYR E 32 -22.02 -9.59 7.19
C TYR E 32 -20.93 -8.63 6.73
N GLU E 33 -21.28 -7.34 6.62
CA GLU E 33 -20.33 -6.34 6.17
C GLU E 33 -19.02 -6.37 6.94
N TYR E 34 -19.13 -6.44 8.27
CA TYR E 34 -17.98 -6.43 9.16
C TYR E 34 -17.31 -7.80 9.34
N LYS E 35 -18.07 -8.86 9.12
CA LYS E 35 -17.56 -10.23 9.27
C LYS E 35 -17.05 -10.46 10.69
N VAL E 36 -17.99 -10.48 11.63
CA VAL E 36 -17.76 -10.70 13.05
C VAL E 36 -17.32 -12.12 13.32
N ILE E 37 -17.65 -13.02 12.41
CA ILE E 37 -17.35 -14.43 12.61
C ILE E 37 -15.89 -14.69 12.25
N PRO E 38 -15.42 -14.16 11.10
CA PRO E 38 -14.09 -14.37 10.66
C PRO E 38 -13.02 -14.09 11.71
N LEU E 39 -13.32 -13.15 12.62
CA LEU E 39 -12.37 -12.74 13.64
C LEU E 39 -12.47 -13.61 14.89
N ALA E 40 -13.72 -13.83 15.29
CA ALA E 40 -14.05 -14.68 16.44
C ALA E 40 -13.43 -16.05 16.33
N ILE E 41 -13.26 -16.56 15.11
CA ILE E 41 -12.77 -17.88 14.85
C ILE E 41 -11.25 -17.81 14.89
N ALA E 42 -10.70 -16.96 14.02
CA ALA E 42 -9.27 -16.78 13.86
C ALA E 42 -8.57 -16.52 15.20
N PHE E 43 -9.16 -15.70 16.06
CA PHE E 43 -8.55 -15.51 17.36
C PHE E 43 -8.63 -16.74 18.25
N ILE E 44 -9.82 -17.31 18.44
CA ILE E 44 -9.93 -18.48 19.27
C ILE E 44 -9.00 -19.61 18.85
N MET E 45 -8.87 -19.76 17.56
CA MET E 45 -7.93 -20.72 16.95
C MET E 45 -6.52 -20.47 17.45
N GLY E 46 -6.16 -19.20 17.62
CA GLY E 46 -4.84 -18.80 18.05
C GLY E 46 -4.51 -19.45 19.41
N ILE E 47 -5.48 -19.31 20.30
CA ILE E 47 -5.32 -19.85 21.66
C ILE E 47 -5.12 -21.36 21.63
N ALA E 48 -5.97 -21.98 20.80
CA ALA E 48 -5.89 -23.45 20.60
C ALA E 48 -4.57 -23.71 19.86
N SER E 49 -4.25 -22.87 18.87
CA SER E 49 -3.07 -23.05 18.03
C SER E 49 -1.77 -22.66 18.72
N THR E 50 -1.87 -21.95 19.83
CA THR E 50 -0.69 -21.50 20.59
C THR E 50 -0.45 -22.38 21.79
N ALA E 51 -1.55 -22.63 22.50
CA ALA E 51 -1.53 -23.60 23.64
C ALA E 51 -0.98 -24.96 23.20
N LEU E 52 -1.27 -25.30 21.94
CA LEU E 52 -0.91 -26.59 21.37
C LEU E 52 0.59 -26.72 21.26
N ILE E 53 1.17 -25.94 20.32
CA ILE E 53 2.59 -25.92 20.08
C ILE E 53 3.40 -25.68 21.33
N LYS E 54 2.81 -24.98 22.32
CA LYS E 54 3.49 -24.70 23.57
C LYS E 54 3.99 -25.93 24.27
N SER E 55 3.10 -26.87 24.56
CA SER E 55 3.55 -28.08 25.24
C SER E 55 4.51 -28.84 24.35
N PHE E 56 4.50 -28.55 23.05
CA PHE E 56 5.44 -29.19 22.13
C PHE E 56 6.86 -28.93 22.60
N VAL E 57 7.03 -27.86 23.36
CA VAL E 57 8.34 -27.54 23.87
C VAL E 57 8.35 -27.62 25.38
N ASP E 58 7.21 -27.22 25.97
CA ASP E 58 7.02 -27.22 27.42
C ASP E 58 7.19 -28.63 27.97
N ASN E 59 6.75 -29.59 27.17
CA ASN E 59 6.76 -30.96 27.59
C ASN E 59 7.66 -31.90 26.78
N ILE E 60 8.42 -31.36 25.82
CA ILE E 60 9.30 -32.19 24.96
C ILE E 60 10.76 -31.87 24.80
N ILE E 61 11.02 -30.96 23.87
CA ILE E 61 12.33 -30.53 23.48
C ILE E 61 13.04 -29.98 24.71
N MET E 62 12.25 -29.65 25.73
CA MET E 62 12.77 -29.16 26.99
C MET E 62 13.05 -30.29 28.01
N PRO E 63 12.01 -30.90 28.58
CA PRO E 63 12.24 -31.91 29.62
C PRO E 63 13.37 -32.94 29.37
N ILE E 64 13.72 -33.21 28.11
CA ILE E 64 14.82 -34.14 27.81
C ILE E 64 16.04 -33.53 27.13
N ILE E 65 15.85 -32.53 26.26
CA ILE E 65 17.01 -31.93 25.60
C ILE E 65 17.74 -31.06 26.61
N THR E 66 17.31 -31.16 27.88
CA THR E 66 17.87 -30.39 29.00
C THR E 66 19.23 -30.83 29.53
N PRO E 67 19.51 -32.15 29.58
CA PRO E 67 20.82 -32.56 30.09
C PRO E 67 21.95 -31.95 29.26
N PHE E 68 21.59 -31.10 28.31
CA PHE E 68 22.56 -30.46 27.43
C PHE E 68 22.79 -28.98 27.72
N VAL E 69 24.07 -28.59 27.66
CA VAL E 69 24.53 -27.20 27.88
C VAL E 69 24.25 -26.54 29.25
N PRO E 70 24.63 -27.19 30.36
CA PRO E 70 24.50 -26.39 31.55
C PRO E 70 25.39 -25.17 31.33
N GLY E 71 26.30 -25.31 30.37
CA GLY E 71 27.16 -24.22 29.95
C GLY E 71 28.35 -23.96 30.85
N GLY E 72 28.22 -24.29 32.13
CA GLY E 72 29.31 -24.15 33.10
C GLY E 72 29.39 -22.78 33.76
N GLY E 73 30.47 -22.05 33.44
CA GLY E 73 30.63 -20.68 33.90
C GLY E 73 30.47 -19.78 32.69
N THR E 76 31.16 -11.89 33.40
CA THR E 76 30.66 -10.59 32.96
C THR E 76 30.47 -9.50 34.03
N ALA E 77 30.42 -8.26 33.56
CA ALA E 77 30.18 -7.04 34.36
C ALA E 77 30.49 -7.10 35.87
N LEU E 81 30.58 -8.88 45.73
CA LEU E 81 30.35 -8.22 46.99
C LEU E 81 29.07 -8.81 47.52
N GLY E 82 28.20 -7.97 48.07
CA GLY E 82 26.91 -8.41 48.51
C GLY E 82 26.32 -8.78 47.16
N PRO E 83 25.42 -9.84 47.10
CA PRO E 83 24.97 -10.14 45.73
C PRO E 83 23.68 -9.49 45.24
N SER E 87 21.68 -14.49 42.44
CA SER E 87 20.39 -15.06 42.12
C SER E 87 20.00 -14.58 40.74
N TRP E 88 20.94 -13.87 40.12
CA TRP E 88 20.79 -13.38 38.76
C TRP E 88 21.19 -14.52 37.86
N GLY E 89 22.14 -15.31 38.36
CA GLY E 89 22.73 -16.41 37.63
C GLY E 89 21.83 -17.60 37.40
N ALA E 90 21.45 -18.26 38.49
CA ALA E 90 20.47 -19.33 38.42
C ALA E 90 19.30 -18.91 37.52
N PHE E 91 18.88 -17.66 37.67
CA PHE E 91 17.89 -17.08 36.78
C PHE E 91 18.44 -16.94 35.40
N LEU E 92 19.73 -16.61 35.26
CA LEU E 92 20.37 -16.45 33.95
C LEU E 92 20.25 -17.73 33.14
N GLY E 93 20.53 -18.84 33.80
CA GLY E 93 20.45 -20.17 33.19
C GLY E 93 19.05 -20.43 32.66
N GLU E 94 18.08 -20.11 33.51
CA GLU E 94 16.66 -20.28 33.18
C GLU E 94 16.32 -19.47 31.94
N LEU E 95 16.78 -18.24 31.92
CA LEU E 95 16.56 -17.29 30.82
C LEU E 95 17.12 -17.90 29.52
N VAL E 96 18.33 -18.43 29.62
CA VAL E 96 19.01 -19.04 28.49
C VAL E 96 18.18 -20.21 27.95
N ASN E 97 17.70 -21.02 28.88
CA ASN E 97 16.86 -22.18 28.56
C ASN E 97 15.60 -21.72 27.79
N PHE E 98 15.00 -20.68 28.29
CA PHE E 98 13.80 -20.08 27.70
C PHE E 98 14.10 -19.60 26.28
N ILE E 99 15.23 -18.98 26.10
CA ILE E 99 15.72 -18.53 24.79
C ILE E 99 15.83 -19.73 23.83
N ILE E 100 16.40 -20.81 24.35
CA ILE E 100 16.52 -22.05 23.60
C ILE E 100 15.10 -22.57 23.16
N ILE E 101 14.25 -22.54 24.14
CA ILE E 101 12.84 -22.94 23.93
C ILE E 101 12.17 -21.99 22.93
N ALA E 102 12.45 -20.71 23.10
CA ALA E 102 11.92 -19.68 22.18
C ALA E 102 12.68 -19.80 20.87
N PHE E 103 14.00 -19.83 20.97
CA PHE E 103 14.91 -19.98 19.82
C PHE E 103 14.59 -21.24 19.07
N ALA E 104 14.40 -22.33 19.83
CA ALA E 104 13.99 -23.63 19.24
C ALA E 104 12.69 -23.48 18.50
N VAL E 105 11.74 -22.77 19.08
CA VAL E 105 10.44 -22.50 18.46
C VAL E 105 10.62 -21.82 17.11
N PHE E 106 11.46 -20.81 17.12
CA PHE E 106 11.79 -20.01 15.94
C PHE E 106 12.35 -20.93 14.83
N ILE E 107 13.27 -21.79 15.25
CA ILE E 107 13.92 -22.75 14.37
C ILE E 107 12.86 -23.66 13.72
N ILE E 108 11.97 -24.14 14.56
CA ILE E 108 10.87 -25.01 14.14
C ILE E 108 10.01 -24.32 13.09
N ALA E 109 9.70 -23.07 13.36
CA ALA E 109 8.89 -22.22 12.49
C ALA E 109 9.57 -22.11 11.11
N LYS E 110 10.87 -21.86 11.16
CA LYS E 110 11.69 -21.74 9.95
C LYS E 110 11.62 -23.03 9.12
N LYS E 111 11.76 -24.14 9.83
CA LYS E 111 11.71 -25.47 9.23
C LYS E 111 10.36 -25.67 8.52
N VAL E 112 9.31 -25.30 9.22
CA VAL E 112 7.94 -25.40 8.72
C VAL E 112 7.79 -24.59 7.43
N LEU E 113 8.32 -23.39 7.47
CA LEU E 113 8.30 -22.47 6.32
C LEU E 113 8.99 -23.12 5.11
N GLN E 114 10.15 -23.69 5.39
CA GLN E 114 10.94 -24.38 4.38
C GLN E 114 10.13 -25.51 3.73
N GLU E 115 9.49 -26.28 4.59
CA GLU E 115 8.64 -27.41 4.19
C GLU E 115 7.52 -26.91 3.29
N GLU E 116 6.89 -25.85 3.77
CA GLU E 116 5.79 -25.17 3.02
C GLU E 116 6.46 -24.90 1.70
N LYS E 117 7.49 -24.07 1.73
CA LYS E 117 8.22 -23.59 0.57
C LYS E 117 8.65 -24.72 -0.34
N VAL E 118 8.83 -25.95 0.16
CA VAL E 118 9.09 -27.09 -0.72
C VAL E 118 7.92 -27.17 -1.68
N GLU E 119 6.73 -26.88 -1.17
CA GLU E 119 5.51 -26.78 -1.98
C GLU E 119 5.70 -25.90 -3.21
N LYS E 120 6.72 -25.05 -3.17
CA LYS E 120 7.06 -24.18 -4.31
C LYS E 120 8.24 -24.78 -5.07
N LYS E 121 8.54 -26.04 -4.77
CA LYS E 121 9.53 -26.86 -5.49
C LYS E 121 8.60 -27.71 -6.32
N MET E 122 7.45 -28.04 -5.72
CA MET E 122 6.34 -28.70 -6.39
C MET E 122 5.53 -27.53 -6.94
N THR E 123 4.61 -27.75 -7.87
CA THR E 123 4.16 -26.67 -8.80
C THR E 123 2.90 -25.72 -8.80
N LYS E 124 1.69 -26.17 -8.45
CA LYS E 124 0.50 -25.33 -8.72
C LYS E 124 0.50 -25.10 -10.26
N LYS E 125 -0.41 -24.30 -10.84
CA LYS E 125 -0.50 -24.31 -12.31
C LYS E 125 -0.47 -23.04 -13.22
N VAL E 126 -0.30 -23.31 -14.50
CA VAL E 126 -0.31 -22.31 -15.57
C VAL E 126 -1.66 -21.62 -15.56
N GLY E 127 -1.76 -20.54 -16.34
CA GLY E 127 -3.02 -19.83 -16.51
C GLY E 127 -2.98 -19.12 -17.83
N ILE E 128 -4.07 -19.18 -18.58
CA ILE E 128 -4.10 -18.57 -19.92
C ILE E 128 -5.34 -17.72 -20.11
N VAL E 129 -5.16 -16.45 -20.47
CA VAL E 129 -6.30 -15.53 -20.64
C VAL E 129 -6.45 -15.07 -22.08
N ASP E 130 -7.71 -15.07 -22.54
CA ASP E 130 -8.04 -14.81 -23.95
C ASP E 130 -9.10 -13.77 -24.29
N THR E 131 -8.96 -13.28 -25.51
CA THR E 131 -9.73 -12.19 -26.04
C THR E 131 -10.97 -12.64 -26.78
N THR E 132 -11.81 -11.67 -27.09
CA THR E 132 -13.01 -11.85 -27.88
C THR E 132 -12.84 -10.82 -28.98
N PHE E 133 -11.68 -10.19 -28.96
CA PHE E 133 -11.26 -9.14 -29.90
C PHE E 133 -10.29 -9.75 -30.92
N ALA E 134 -9.58 -10.81 -30.51
CA ALA E 134 -8.60 -11.48 -31.37
C ALA E 134 -9.20 -11.93 -32.70
N ARG E 135 -8.32 -12.24 -33.65
CA ARG E 135 -8.72 -12.73 -34.95
C ARG E 135 -8.21 -14.15 -35.21
N VAL E 136 -7.17 -14.54 -34.46
CA VAL E 136 -6.59 -15.89 -34.53
C VAL E 136 -6.46 -16.45 -33.11
N ASP E 137 -7.17 -17.55 -32.83
CA ASP E 137 -7.15 -18.18 -31.50
C ASP E 137 -5.80 -18.85 -31.20
N MET E 138 -4.94 -18.15 -30.46
CA MET E 138 -3.65 -18.68 -30.04
C MET E 138 -3.91 -19.76 -29.00
N ALA E 139 -4.70 -19.41 -28.00
CA ALA E 139 -5.07 -20.27 -26.86
C ALA E 139 -4.64 -21.73 -26.99
N SER E 140 -5.17 -22.39 -28.02
CA SER E 140 -4.89 -23.80 -28.27
C SER E 140 -3.44 -24.03 -28.72
N ILE E 141 -3.04 -23.35 -29.78
CA ILE E 141 -1.70 -23.51 -30.32
C ILE E 141 -0.73 -23.58 -29.16
N ALA E 142 -1.03 -22.77 -28.14
CA ALA E 142 -0.24 -22.72 -26.92
C ALA E 142 -0.51 -23.91 -26.01
N ILE E 143 -1.71 -24.02 -25.48
CA ILE E 143 -2.04 -25.12 -24.59
C ILE E 143 -1.45 -26.46 -25.05
N LYS E 144 -1.26 -26.60 -26.37
CA LYS E 144 -0.67 -27.82 -26.95
C LYS E 144 0.81 -27.99 -26.56
N LYS E 145 1.59 -26.95 -26.80
CA LYS E 145 3.01 -26.95 -26.48
C LYS E 145 3.30 -26.88 -24.98
N LEU E 146 2.26 -26.94 -24.16
CA LEU E 146 2.44 -26.85 -22.71
C LEU E 146 2.21 -28.14 -21.96
N LYS E 147 1.16 -28.88 -22.36
CA LYS E 147 0.86 -30.17 -21.75
C LYS E 147 1.86 -31.21 -22.23
N GLU E 148 2.40 -30.97 -23.43
CA GLU E 148 3.37 -31.86 -24.07
C GLU E 148 4.68 -31.91 -23.28
N LEU E 149 5.38 -30.78 -23.27
CA LEU E 149 6.64 -30.68 -22.52
C LEU E 149 6.47 -31.04 -21.05
N SER E 150 5.22 -31.02 -20.58
CA SER E 150 4.95 -31.38 -19.20
C SER E 150 3.49 -31.66 -19.02
N PRO E 151 3.16 -32.94 -18.85
CA PRO E 151 1.76 -33.31 -18.61
C PRO E 151 1.25 -32.73 -17.30
N ASN E 152 2.08 -32.83 -16.26
CA ASN E 152 1.74 -32.30 -14.95
C ASN E 152 1.60 -30.77 -15.00
N ILE E 153 0.50 -30.32 -15.60
CA ILE E 153 0.13 -28.90 -15.75
C ILE E 153 -1.39 -28.83 -15.97
N LYS E 154 -2.11 -28.50 -14.90
CA LYS E 154 -3.58 -28.38 -14.93
C LYS E 154 -4.01 -26.98 -15.39
N ILE E 155 -4.23 -26.83 -16.71
CA ILE E 155 -4.56 -25.52 -17.34
C ILE E 155 -5.95 -24.95 -16.98
N ILE E 156 -6.03 -23.61 -16.95
CA ILE E 156 -7.29 -22.92 -16.71
C ILE E 156 -7.42 -21.81 -17.75
N ARG E 157 -8.58 -21.77 -18.41
CA ARG E 157 -8.91 -20.71 -19.38
C ARG E 157 -10.05 -19.83 -18.91
N LYS E 158 -9.92 -18.53 -19.21
CA LYS E 158 -10.90 -17.51 -18.90
C LYS E 158 -10.72 -16.42 -19.94
N THR E 159 -11.84 -15.97 -20.50
CA THR E 159 -11.81 -15.01 -21.58
C THR E 159 -12.45 -13.67 -21.23
N VAL E 160 -12.09 -12.68 -22.04
CA VAL E 160 -12.66 -11.37 -21.97
C VAL E 160 -12.58 -10.74 -23.36
N PRO E 161 -13.53 -9.82 -23.65
CA PRO E 161 -13.84 -9.03 -24.85
C PRO E 161 -12.75 -8.12 -25.39
N GLY E 162 -12.32 -7.19 -24.54
CA GLY E 162 -11.32 -6.20 -24.89
C GLY E 162 -9.90 -6.44 -24.41
N ILE E 163 -8.97 -6.23 -25.34
CA ILE E 163 -7.54 -6.17 -25.11
C ILE E 163 -7.32 -5.49 -23.75
N LYS E 164 -7.88 -4.29 -23.63
CA LYS E 164 -7.69 -3.39 -22.49
C LYS E 164 -8.15 -3.91 -21.09
N ASP E 165 -8.68 -5.13 -21.04
CA ASP E 165 -9.16 -5.74 -19.80
C ASP E 165 -8.24 -6.79 -19.13
N LEU E 166 -7.69 -7.67 -19.98
CA LEU E 166 -6.82 -8.79 -19.59
C LEU E 166 -6.41 -8.71 -18.15
N PRO E 167 -5.81 -7.56 -17.74
CA PRO E 167 -5.36 -7.33 -16.37
C PRO E 167 -6.25 -7.71 -15.17
N VAL E 168 -7.30 -6.95 -14.87
CA VAL E 168 -8.07 -7.24 -13.67
C VAL E 168 -8.36 -8.73 -13.62
N ALA E 169 -8.35 -9.35 -14.80
CA ALA E 169 -8.47 -10.79 -14.90
C ALA E 169 -7.13 -11.38 -14.55
N CYS E 170 -6.15 -11.20 -15.43
CA CYS E 170 -4.79 -11.70 -15.21
C CYS E 170 -4.45 -11.68 -13.75
N LYS E 171 -4.91 -10.63 -13.09
CA LYS E 171 -4.65 -10.48 -11.67
C LYS E 171 -5.58 -11.38 -10.82
N LYS E 172 -6.84 -11.54 -11.21
CA LYS E 172 -7.76 -12.41 -10.46
C LYS E 172 -7.21 -13.79 -10.29
N LEU E 173 -6.91 -14.47 -11.41
CA LEU E 173 -6.32 -15.81 -11.36
C LEU E 173 -5.22 -15.75 -10.35
N LEU E 174 -4.17 -15.03 -10.70
CA LEU E 174 -2.98 -14.87 -9.87
C LEU E 174 -3.25 -14.39 -8.43
N GLU E 175 -4.47 -13.93 -8.17
CA GLU E 175 -4.84 -13.44 -6.84
C GLU E 175 -5.73 -14.41 -6.09
N GLU E 176 -6.35 -15.30 -6.85
CA GLU E 176 -7.36 -16.17 -6.30
C GLU E 176 -7.44 -17.40 -7.21
N GLU E 177 -6.57 -18.39 -6.97
CA GLU E 177 -6.51 -19.67 -7.73
C GLU E 177 -5.13 -20.29 -8.01
N GLY E 178 -4.05 -19.75 -7.47
CA GLY E 178 -2.73 -20.28 -7.84
C GLY E 178 -2.25 -19.71 -9.16
N CYS E 179 -2.15 -20.53 -10.21
CA CYS E 179 -1.70 -20.06 -11.54
C CYS E 179 -0.41 -19.24 -11.47
N ASP E 180 0.69 -19.90 -11.12
CA ASP E 180 1.94 -19.19 -10.94
C ASP E 180 2.72 -19.02 -12.22
N ILE E 181 2.05 -18.33 -13.13
CA ILE E 181 2.46 -17.87 -14.45
C ILE E 181 1.10 -17.80 -15.17
N VAL E 182 1.06 -17.15 -16.34
CA VAL E 182 -0.17 -16.95 -17.07
C VAL E 182 0.26 -16.37 -18.45
N MET E 183 -0.14 -17.01 -19.55
CA MET E 183 0.16 -16.49 -20.89
C MET E 183 -0.86 -15.40 -21.20
N ALA E 184 -0.39 -14.25 -21.75
CA ALA E 184 -1.30 -13.15 -22.09
C ALA E 184 -1.71 -13.22 -23.55
N LEU E 185 -2.79 -13.93 -23.82
CA LEU E 185 -3.27 -14.14 -25.18
C LEU E 185 -4.14 -13.02 -25.73
N GLY E 186 -3.63 -12.33 -26.75
CA GLY E 186 -4.34 -11.24 -27.40
C GLY E 186 -3.73 -10.81 -28.71
N MET E 187 -4.52 -10.06 -29.49
CA MET E 187 -4.07 -9.49 -30.75
C MET E 187 -4.36 -7.98 -30.80
N PRO E 188 -3.32 -7.17 -31.11
CA PRO E 188 -3.44 -5.73 -31.26
C PRO E 188 -4.22 -5.36 -32.52
N GLY E 189 -4.34 -4.06 -32.78
CA GLY E 189 -5.05 -3.58 -33.96
C GLY E 189 -4.13 -2.96 -35.00
N LYS E 190 -4.73 -2.34 -36.00
CA LYS E 190 -3.99 -1.69 -37.08
C LYS E 190 -4.02 -0.16 -36.97
N ALA E 191 -3.70 0.52 -38.07
CA ALA E 191 -3.72 1.97 -38.13
C ALA E 191 -2.67 2.58 -37.19
N GLU E 192 -1.95 3.57 -37.69
CA GLU E 192 -0.92 4.27 -36.92
C GLU E 192 -1.43 4.78 -35.54
N LYS E 193 -2.73 4.62 -35.29
CA LYS E 193 -3.37 5.12 -34.08
C LYS E 193 -3.67 4.07 -32.98
N ASP E 194 -3.67 2.80 -33.33
CA ASP E 194 -3.98 1.76 -32.35
C ASP E 194 -2.73 1.18 -31.71
N LYS E 195 -1.64 1.92 -31.82
CA LYS E 195 -0.38 1.56 -31.17
C LYS E 195 -0.43 1.96 -29.71
N VAL E 196 -1.38 2.84 -29.38
CA VAL E 196 -1.62 3.33 -28.01
C VAL E 196 -2.09 2.23 -27.10
N CYS E 197 -2.97 1.36 -27.65
CA CYS E 197 -3.54 0.23 -26.93
C CYS E 197 -2.40 -0.62 -26.33
N ALA E 198 -1.44 -0.91 -27.21
CA ALA E 198 -0.28 -1.74 -26.87
C ALA E 198 0.45 -1.15 -25.67
N HIS E 199 0.73 0.13 -25.81
CA HIS E 199 1.40 0.89 -24.71
C HIS E 199 0.44 0.92 -23.51
N GLU E 200 -0.82 1.21 -23.81
CA GLU E 200 -1.86 1.38 -22.80
C GLU E 200 -1.96 0.13 -21.91
N ALA E 201 -2.21 -1.01 -22.54
CA ALA E 201 -2.36 -2.27 -21.90
C ALA E 201 -1.11 -2.84 -21.27
N SER E 202 0.04 -2.66 -21.94
CA SER E 202 1.29 -3.26 -21.51
C SER E 202 1.64 -2.89 -20.06
N LEU E 203 1.31 -1.65 -19.71
CA LEU E 203 1.63 -1.08 -18.41
C LEU E 203 0.82 -1.71 -17.32
N GLY E 204 -0.47 -1.81 -17.58
CA GLY E 204 -1.45 -2.48 -16.69
C GLY E 204 -0.95 -3.90 -16.35
N LEU E 205 -0.34 -4.46 -17.35
CA LEU E 205 0.32 -5.78 -17.32
C LEU E 205 1.37 -5.84 -16.29
N MET E 206 2.50 -5.15 -16.55
CA MET E 206 3.63 -5.09 -15.59
C MET E 206 3.13 -4.66 -14.20
N LEU E 207 2.12 -3.79 -14.23
CA LEU E 207 1.46 -3.28 -13.06
C LEU E 207 0.95 -4.53 -12.37
N ALA E 208 -0.03 -5.15 -12.97
CA ALA E 208 -0.59 -6.39 -12.39
C ALA E 208 0.61 -7.25 -11.99
N GLN E 209 1.62 -7.32 -12.87
CA GLN E 209 2.79 -8.12 -12.60
C GLN E 209 3.29 -7.71 -11.24
N LEU E 210 3.84 -6.51 -11.19
CA LEU E 210 4.37 -5.97 -9.95
C LEU E 210 3.35 -5.91 -8.79
N MET E 211 2.09 -6.20 -9.09
CA MET E 211 1.06 -6.20 -8.07
C MET E 211 1.26 -7.45 -7.25
N THR E 212 1.71 -8.49 -7.93
CA THR E 212 1.94 -9.77 -7.30
C THR E 212 2.91 -10.61 -8.13
N ASN E 213 4.06 -10.85 -7.52
CA ASN E 213 5.21 -11.51 -8.14
C ASN E 213 4.82 -12.70 -9.03
N LYS E 214 4.53 -12.40 -10.28
CA LYS E 214 4.20 -13.42 -11.24
C LYS E 214 4.47 -12.91 -12.63
N HIS E 215 5.32 -13.65 -13.34
CA HIS E 215 5.80 -13.29 -14.67
C HIS E 215 4.71 -13.46 -15.74
N ILE E 216 3.78 -12.53 -15.89
CA ILE E 216 2.82 -12.73 -16.98
C ILE E 216 3.40 -12.34 -18.33
N ILE E 217 3.72 -13.35 -19.13
CA ILE E 217 4.26 -13.12 -20.46
C ILE E 217 3.22 -12.54 -21.37
N GLU E 218 3.52 -11.33 -21.84
CA GLU E 218 2.69 -10.60 -22.78
C GLU E 218 2.74 -11.33 -24.13
N VAL E 219 1.58 -11.83 -24.57
CA VAL E 219 1.51 -12.57 -25.84
C VAL E 219 0.78 -11.74 -26.86
N PHE E 220 1.43 -10.65 -27.26
CA PHE E 220 0.87 -9.71 -28.25
C PHE E 220 1.31 -10.09 -29.65
N VAL E 221 0.48 -9.74 -30.63
CA VAL E 221 0.75 -10.04 -32.02
C VAL E 221 0.08 -9.00 -32.91
N HIS E 222 0.73 -7.83 -32.99
CA HIS E 222 0.22 -6.72 -33.79
C HIS E 222 -0.15 -7.19 -35.20
N GLU E 223 -1.14 -6.54 -35.79
CA GLU E 223 -1.63 -6.90 -37.11
C GLU E 223 -0.91 -6.21 -38.27
N ASP E 224 0.06 -5.36 -37.94
CA ASP E 224 0.85 -4.66 -38.94
C ASP E 224 2.13 -5.45 -39.26
N GLU E 225 2.09 -6.74 -38.94
CA GLU E 225 3.22 -7.63 -39.14
C GLU E 225 2.97 -8.62 -40.29
N ALA E 226 2.21 -8.18 -41.30
CA ALA E 226 1.88 -9.07 -42.43
C ALA E 226 1.50 -8.35 -43.72
N LYS E 227 1.12 -9.14 -44.73
CA LYS E 227 0.71 -8.62 -46.02
C LYS E 227 -0.66 -9.14 -46.47
N ASP E 228 -1.04 -10.31 -45.98
CA ASP E 228 -2.32 -10.96 -46.32
C ASP E 228 -2.91 -11.65 -45.09
N ASP E 229 -3.87 -12.59 -45.28
CA ASP E 229 -4.53 -13.22 -44.14
C ASP E 229 -3.69 -14.42 -43.65
N LYS E 230 -3.32 -15.26 -44.61
CA LYS E 230 -2.61 -16.49 -44.35
C LYS E 230 -1.30 -16.20 -43.63
N GLU E 231 -0.58 -15.17 -44.13
CA GLU E 231 0.69 -14.75 -43.57
C GLU E 231 0.55 -14.45 -42.08
N LEU E 232 -0.51 -13.70 -41.75
CA LEU E 232 -0.77 -13.30 -40.38
C LEU E 232 -0.91 -14.56 -39.48
N ASP E 233 -1.69 -15.50 -39.99
CA ASP E 233 -2.12 -16.65 -39.25
C ASP E 233 -0.92 -17.45 -38.71
N TRP E 234 -0.02 -17.69 -39.65
CA TRP E 234 1.20 -18.47 -39.38
C TRP E 234 2.02 -17.79 -38.27
N LEU E 235 2.16 -16.47 -38.46
CA LEU E 235 2.93 -15.65 -37.52
C LEU E 235 2.33 -15.73 -36.13
N ALA E 236 0.99 -15.67 -36.06
CA ALA E 236 0.27 -15.71 -34.81
C ALA E 236 0.47 -16.89 -33.83
N LYS E 237 -0.05 -18.02 -34.27
CA LYS E 237 0.00 -19.27 -33.54
C LYS E 237 1.42 -19.71 -33.36
N ARG E 238 2.31 -19.48 -34.34
CA ARG E 238 3.68 -19.90 -34.29
C ARG E 238 4.38 -19.34 -33.04
N ARG E 239 4.17 -18.04 -32.86
CA ARG E 239 4.76 -17.33 -31.71
C ARG E 239 4.18 -17.90 -30.42
N ALA E 240 2.86 -18.00 -30.42
CA ALA E 240 2.08 -18.45 -29.27
C ALA E 240 2.73 -19.63 -28.59
N GLU E 241 3.39 -20.43 -29.41
CA GLU E 241 4.12 -21.58 -28.94
C GLU E 241 5.47 -21.18 -28.36
N GLU E 242 6.27 -20.44 -29.13
CA GLU E 242 7.59 -19.98 -28.66
C GLU E 242 7.58 -19.47 -27.23
N HIS E 243 6.53 -18.72 -26.87
CA HIS E 243 6.42 -18.19 -25.53
C HIS E 243 6.07 -19.32 -24.57
N ALA E 244 4.92 -19.96 -24.81
CA ALA E 244 4.55 -21.11 -24.00
C ALA E 244 5.87 -21.83 -23.81
N GLU E 245 6.53 -22.06 -24.93
CA GLU E 245 7.83 -22.70 -24.97
C GLU E 245 8.57 -22.28 -23.74
N ASN E 246 8.80 -20.98 -23.65
CA ASN E 246 9.54 -20.42 -22.56
C ASN E 246 8.86 -20.61 -21.24
N VAL E 247 7.52 -20.52 -21.24
CA VAL E 247 6.69 -20.69 -20.05
C VAL E 247 7.13 -21.93 -19.28
N TYR E 248 7.39 -23.00 -20.03
CA TYR E 248 7.87 -24.24 -19.41
C TYR E 248 9.19 -23.95 -18.65
N TYR E 249 10.08 -23.30 -19.39
CA TYR E 249 11.40 -22.94 -18.89
C TYR E 249 11.34 -22.17 -17.60
N LEU E 250 10.77 -20.98 -17.65
CA LEU E 250 10.53 -20.18 -16.43
C LEU E 250 9.94 -20.99 -15.29
N LEU E 251 9.22 -22.08 -15.67
CA LEU E 251 8.65 -22.97 -14.65
C LEU E 251 9.65 -23.90 -13.97
N PHE E 252 10.19 -24.83 -14.77
CA PHE E 252 11.06 -25.92 -14.28
C PHE E 252 12.53 -25.84 -14.66
N LYS E 253 12.81 -25.33 -15.85
CA LYS E 253 14.16 -25.33 -16.41
C LYS E 253 14.79 -23.93 -16.60
N PRO E 254 15.08 -23.21 -15.49
CA PRO E 254 15.63 -21.85 -15.59
C PRO E 254 16.96 -21.84 -16.36
N GLU E 255 17.88 -22.68 -15.92
CA GLU E 255 19.20 -22.81 -16.47
C GLU E 255 19.14 -22.72 -17.98
N TYR E 256 18.12 -23.35 -18.60
CA TYR E 256 18.05 -23.41 -20.05
C TYR E 256 18.15 -22.00 -20.65
N LEU E 257 17.22 -21.21 -20.14
CA LEU E 257 17.19 -19.73 -20.46
C LEU E 257 18.50 -19.10 -20.05
N THR E 258 18.98 -19.51 -18.86
CA THR E 258 20.26 -19.04 -18.32
C THR E 258 21.41 -19.09 -19.35
N ARG E 259 21.66 -20.31 -19.83
CA ARG E 259 22.66 -20.52 -20.87
C ARG E 259 22.31 -19.75 -22.12
N MET E 260 21.01 -19.75 -22.49
CA MET E 260 20.56 -18.94 -23.62
C MET E 260 21.05 -17.52 -23.66
N ALA E 261 21.08 -16.84 -22.53
CA ALA E 261 21.52 -15.46 -22.49
C ALA E 261 22.69 -15.56 -23.50
N GLY E 262 22.71 -14.67 -24.50
CA GLY E 262 23.75 -14.71 -25.52
#